data_2LIC
#
_entry.id   2LIC
#
_entity_poly.entity_id   1
_entity_poly.type   'polypeptide(L)'
_entity_poly.pdbx_seq_one_letter_code
;EKLKQDILNLRTDISTS(SEP)SSISSSEENDFWQPKPT
;
_entity_poly.pdbx_strand_id   A
#
# COMPACT_ATOMS: atom_id res chain seq x y z
N GLU A 1 9.52 2.88 10.64
CA GLU A 1 8.39 3.57 9.97
C GLU A 1 8.34 5.05 10.37
N LYS A 2 9.26 5.44 11.25
CA LYS A 2 9.35 6.82 11.72
C LYS A 2 10.16 7.67 10.76
N LEU A 3 9.52 8.70 10.20
CA LEU A 3 10.18 9.59 9.26
C LEU A 3 9.33 10.82 9.01
N LYS A 4 8.42 11.06 9.94
CA LYS A 4 7.50 12.20 9.87
C LYS A 4 6.86 12.31 8.49
N GLN A 5 5.72 11.67 8.32
CA GLN A 5 5.01 11.70 7.04
C GLN A 5 4.00 12.84 7.01
N ASP A 6 3.30 12.97 5.88
CA ASP A 6 2.30 14.03 5.71
C ASP A 6 2.90 15.40 5.93
N ILE A 7 3.53 15.95 4.89
CA ILE A 7 4.14 17.26 4.98
C ILE A 7 3.67 18.16 3.84
N LEU A 8 3.79 17.65 2.62
CA LEU A 8 3.39 18.40 1.43
C LEU A 8 2.82 17.46 0.37
N ASN A 9 2.93 16.16 0.62
CA ASN A 9 2.42 15.16 -0.32
C ASN A 9 0.98 14.80 -0.01
N LEU A 10 0.53 15.12 1.20
CA LEU A 10 -0.83 14.83 1.63
C LEU A 10 -1.12 13.34 1.53
N ARG A 11 -0.87 12.62 2.63
CA ARG A 11 -1.09 11.19 2.69
C ARG A 11 -0.17 10.44 1.74
N THR A 12 0.20 9.21 2.13
CA THR A 12 1.09 8.37 1.31
C THR A 12 2.31 9.14 0.85
N ASP A 13 3.38 9.07 1.66
CA ASP A 13 4.62 9.76 1.32
C ASP A 13 5.49 8.89 0.41
N ILE A 14 5.50 9.23 -0.87
CA ILE A 14 6.30 8.49 -1.84
C ILE A 14 5.91 7.01 -1.88
N SER A 15 5.00 6.66 -2.79
CA SER A 15 4.54 5.29 -2.92
C SER A 15 4.87 4.74 -4.30
N THR A 16 5.39 3.51 -4.32
CA THR A 16 5.76 2.86 -5.58
C THR A 16 4.53 2.55 -6.41
N SER A 17 3.40 2.37 -5.75
CA SER A 17 2.15 2.06 -6.43
C SER A 17 1.78 3.17 -7.41
N SEP A 18 1.76 2.84 -8.68
CA SEP A 18 1.42 3.82 -9.72
CB SEP A 18 2.64 4.70 -10.05
OG SEP A 18 3.73 3.91 -10.51
C SEP A 18 0.93 3.12 -10.99
O SEP A 18 -0.21 3.33 -11.42
P SEP A 18 4.91 4.88 -10.99
O1P SEP A 18 5.54 5.64 -9.70
O2P SEP A 18 6.12 4.00 -11.55
O3P SEP A 18 4.41 5.72 -12.26
H SEP A 18 1.98 1.92 -8.95
HA SEP A 18 0.64 4.44 -9.33
HB2 SEP A 18 2.37 5.39 -10.82
HB3 SEP A 18 2.94 5.23 -9.16
N SER A 19 1.78 2.30 -11.58
CA SER A 19 1.42 1.57 -12.80
C SER A 19 1.98 0.15 -12.79
N SER A 20 2.17 -0.39 -11.59
CA SER A 20 2.71 -1.75 -11.44
C SER A 20 1.59 -2.75 -11.20
N ILE A 21 1.70 -3.92 -11.81
CA ILE A 21 0.70 -4.98 -11.66
C ILE A 21 1.34 -6.36 -11.84
N SER A 22 0.86 -7.33 -11.06
CA SER A 22 1.39 -8.69 -11.14
C SER A 22 0.45 -9.69 -10.49
N SER A 23 -0.14 -10.56 -11.31
CA SER A 23 -1.07 -11.58 -10.83
C SER A 23 -2.24 -10.96 -10.07
N SER A 24 -2.43 -9.65 -10.24
CA SER A 24 -3.52 -8.94 -9.58
C SER A 24 -3.48 -9.15 -8.06
N GLU A 25 -2.28 -9.34 -7.53
CA GLU A 25 -2.10 -9.55 -6.10
C GLU A 25 -2.83 -10.82 -5.64
N GLU A 26 -2.76 -11.10 -4.34
CA GLU A 26 -3.42 -12.27 -3.78
C GLU A 26 -4.61 -11.87 -2.93
N ASN A 27 -4.85 -10.56 -2.81
CA ASN A 27 -5.96 -10.06 -2.01
C ASN A 27 -7.07 -9.53 -2.91
N ASP A 28 -8.07 -10.37 -3.18
CA ASP A 28 -9.19 -9.98 -4.03
C ASP A 28 -10.37 -10.93 -3.83
N PHE A 29 -10.43 -11.58 -2.67
CA PHE A 29 -11.49 -12.52 -2.36
C PHE A 29 -11.35 -13.02 -0.93
N TRP A 30 -11.74 -12.18 0.02
CA TRP A 30 -11.66 -12.51 1.43
C TRP A 30 -10.21 -12.62 1.87
N GLN A 31 -9.90 -11.98 2.98
CA GLN A 31 -8.57 -11.99 3.53
C GLN A 31 -8.55 -12.71 4.88
N PRO A 32 -8.54 -14.06 4.87
CA PRO A 32 -8.54 -14.86 6.10
C PRO A 32 -7.21 -14.79 6.84
N LYS A 33 -7.21 -14.15 8.01
CA LYS A 33 -6.01 -14.02 8.82
C LYS A 33 -5.95 -15.11 9.88
N PRO A 34 -4.74 -15.47 10.35
CA PRO A 34 -4.58 -16.51 11.37
C PRO A 34 -5.34 -16.19 12.65
N THR A 35 -6.50 -16.82 12.82
CA THR A 35 -7.33 -16.60 13.99
C THR A 35 -6.64 -17.10 15.25
N GLU A 1 8.66 16.21 11.06
CA GLU A 1 7.91 17.44 10.74
C GLU A 1 6.62 17.11 9.97
N LYS A 2 5.88 18.15 9.60
CA LYS A 2 4.64 17.96 8.87
C LYS A 2 4.90 17.75 7.38
N LEU A 3 6.14 17.96 6.97
CA LEU A 3 6.53 17.78 5.57
C LEU A 3 6.95 16.34 5.29
N LYS A 4 7.39 16.10 4.07
CA LYS A 4 7.82 14.77 3.66
C LYS A 4 6.80 13.70 4.03
N GLN A 5 5.62 13.78 3.42
CA GLN A 5 4.54 12.83 3.67
C GLN A 5 4.20 12.77 5.15
N ASP A 6 3.43 11.76 5.54
CA ASP A 6 3.03 11.59 6.93
C ASP A 6 3.69 10.37 7.55
N ILE A 7 4.61 10.60 8.48
CA ILE A 7 5.33 9.53 9.15
C ILE A 7 4.71 9.24 10.52
N LEU A 8 3.44 9.60 10.67
CA LEU A 8 2.73 9.40 11.93
C LEU A 8 1.76 8.23 11.81
N ASN A 9 1.48 7.84 10.58
CA ASN A 9 0.56 6.73 10.32
C ASN A 9 1.20 5.71 9.37
N LEU A 10 2.03 6.19 8.45
CA LEU A 10 2.70 5.32 7.50
C LEU A 10 4.15 5.74 7.28
N ARG A 11 5.07 4.88 7.72
CA ARG A 11 6.49 5.16 7.57
C ARG A 11 6.88 5.31 6.11
N THR A 12 7.16 6.54 5.70
CA THR A 12 7.55 6.84 4.32
C THR A 12 6.60 6.20 3.31
N ASP A 13 5.55 6.95 2.94
CA ASP A 13 4.57 6.46 1.99
C ASP A 13 4.47 7.39 0.78
N ILE A 14 4.99 6.94 -0.36
CA ILE A 14 4.95 7.73 -1.58
C ILE A 14 3.72 7.39 -2.42
N SER A 15 3.24 6.16 -2.28
CA SER A 15 2.08 5.70 -3.02
C SER A 15 2.30 5.79 -4.52
N THR A 16 2.84 4.72 -5.10
CA THR A 16 3.09 4.67 -6.54
C THR A 16 2.87 3.26 -7.08
N SER A 17 3.51 2.29 -6.44
CA SER A 17 3.38 0.88 -6.84
C SER A 17 3.87 0.68 -8.27
N SEP A 18 3.95 -0.59 -8.69
CA SEP A 18 4.40 -0.94 -10.03
CB SEP A 18 5.88 -0.62 -10.20
OG SEP A 18 6.67 -1.39 -9.33
C SEP A 18 4.14 -2.41 -10.31
O SEP A 18 4.78 -3.28 -9.71
P SEP A 18 8.18 -1.46 -9.89
O1P SEP A 18 9.00 -2.59 -9.09
O2P SEP A 18 8.15 -2.01 -11.40
O3P SEP A 18 8.75 0.04 -10.04
H SEP A 18 3.69 -1.31 -8.06
HA SEP A 18 3.82 -0.35 -10.73
HB2 SEP A 18 6.18 -0.83 -11.22
HB3 SEP A 18 6.04 0.43 -9.99
N SER A 19 3.23 -2.70 -11.23
CA SER A 19 2.89 -4.08 -11.58
C SER A 19 2.33 -4.16 -12.99
N SER A 20 1.31 -3.34 -13.26
CA SER A 20 0.66 -3.32 -14.58
C SER A 20 0.02 -4.68 -14.88
N ILE A 21 -0.67 -4.75 -16.02
CA ILE A 21 -1.33 -5.97 -16.44
C ILE A 21 -2.40 -6.40 -15.43
N SER A 22 -3.67 -6.24 -15.83
CA SER A 22 -4.79 -6.61 -14.97
C SER A 22 -4.66 -5.97 -13.58
N SER A 23 -5.43 -6.47 -12.62
CA SER A 23 -5.39 -5.95 -11.27
C SER A 23 -5.60 -7.07 -10.25
N SER A 24 -5.49 -8.31 -10.72
CA SER A 24 -5.66 -9.47 -9.86
C SER A 24 -4.47 -9.63 -8.91
N GLU A 25 -4.76 -10.01 -7.67
CA GLU A 25 -3.72 -10.19 -6.66
C GLU A 25 -3.57 -11.67 -6.30
N GLU A 26 -2.33 -12.14 -6.19
CA GLU A 26 -2.06 -13.53 -5.86
C GLU A 26 -2.47 -13.84 -4.42
N ASN A 27 -2.82 -12.80 -3.68
CA ASN A 27 -3.24 -12.96 -2.29
C ASN A 27 -4.75 -12.78 -2.15
N ASP A 28 -5.47 -13.88 -2.01
CA ASP A 28 -6.92 -13.84 -1.87
C ASP A 28 -7.44 -15.09 -1.17
N PHE A 29 -6.58 -15.71 -0.37
CA PHE A 29 -6.96 -16.92 0.36
C PHE A 29 -6.67 -16.78 1.86
N TRP A 30 -5.81 -15.83 2.21
CA TRP A 30 -5.45 -15.60 3.60
C TRP A 30 -6.30 -14.48 4.22
N GLN A 31 -5.74 -13.29 4.31
CA GLN A 31 -6.44 -12.14 4.89
C GLN A 31 -6.12 -10.85 4.14
N PRO A 32 -6.60 -10.72 2.89
CA PRO A 32 -6.36 -9.53 2.07
C PRO A 32 -7.07 -8.29 2.62
N LYS A 33 -8.15 -8.51 3.36
CA LYS A 33 -8.92 -7.41 3.93
C LYS A 33 -8.39 -7.03 5.31
N PRO A 34 -8.41 -5.73 5.65
CA PRO A 34 -7.93 -5.23 6.95
C PRO A 34 -8.79 -5.71 8.12
N THR A 35 -9.83 -6.48 7.80
CA THR A 35 -10.73 -7.00 8.83
C THR A 35 -11.40 -5.87 9.62
N GLU A 1 10.53 28.05 10.13
CA GLU A 1 9.89 29.22 9.46
C GLU A 1 10.78 29.75 8.34
N LYS A 2 11.92 29.10 8.13
CA LYS A 2 12.86 29.51 7.09
C LYS A 2 13.11 28.36 6.12
N LEU A 3 12.68 27.17 6.50
CA LEU A 3 12.86 25.98 5.66
C LEU A 3 11.57 25.16 5.63
N LYS A 4 11.14 24.82 4.41
CA LYS A 4 9.92 24.03 4.23
C LYS A 4 10.25 22.57 3.95
N GLN A 5 9.24 21.81 3.55
CA GLN A 5 9.40 20.38 3.24
C GLN A 5 9.75 19.58 4.49
N ASP A 6 11.03 19.60 4.87
CA ASP A 6 11.49 18.86 6.04
C ASP A 6 12.53 19.66 6.83
N ILE A 7 12.13 20.17 7.99
CA ILE A 7 13.02 20.94 8.83
C ILE A 7 13.93 20.00 9.63
N LEU A 8 13.40 18.84 9.98
CA LEU A 8 14.14 17.85 10.74
C LEU A 8 14.65 16.75 9.80
N ASN A 9 14.53 17.00 8.50
CA ASN A 9 14.96 16.05 7.47
C ASN A 9 14.18 14.76 7.57
N LEU A 10 13.05 14.79 8.27
CA LEU A 10 12.20 13.61 8.43
C LEU A 10 11.09 13.62 7.38
N ARG A 11 11.31 12.90 6.29
CA ARG A 11 10.34 12.82 5.21
C ARG A 11 8.97 12.40 5.73
N THR A 12 8.01 13.32 5.67
CA THR A 12 6.65 13.06 6.12
C THR A 12 5.63 13.82 5.28
N ASP A 13 6.11 14.40 4.17
CA ASP A 13 5.24 15.15 3.26
C ASP A 13 4.42 14.21 2.39
N ILE A 14 4.64 12.91 2.54
CA ILE A 14 3.92 11.91 1.76
C ILE A 14 3.25 10.89 2.68
N SER A 15 2.03 10.50 2.31
CA SER A 15 1.26 9.52 3.08
C SER A 15 0.37 8.69 2.16
N THR A 16 0.34 9.06 0.89
CA THR A 16 -0.48 8.35 -0.09
C THR A 16 0.39 7.48 -1.00
N SER A 17 0.35 6.18 -0.78
CA SER A 17 1.13 5.24 -1.58
C SER A 17 0.31 3.99 -1.91
N SEP A 18 0.72 3.28 -2.96
CA SEP A 18 0.03 2.06 -3.38
CB SEP A 18 -0.64 2.28 -4.73
OG SEP A 18 -1.35 1.11 -5.13
C SEP A 18 1.00 0.88 -3.44
O SEP A 18 1.96 0.90 -4.21
P SEP A 18 -2.38 1.51 -6.30
O1P SEP A 18 -1.55 1.82 -7.64
O2P SEP A 18 -3.26 0.22 -6.68
O3P SEP A 18 -3.45 2.57 -5.72
H SEP A 18 1.51 3.58 -3.45
HA SEP A 18 -0.73 1.85 -2.63
HB2 SEP A 18 -1.33 3.09 -4.66
HB3 SEP A 18 0.11 2.49 -5.47
N SER A 19 0.74 -0.14 -2.63
CA SER A 19 1.59 -1.33 -2.60
C SER A 19 1.58 -2.04 -3.94
N SER A 20 2.50 -2.99 -4.11
CA SER A 20 2.61 -3.74 -5.35
C SER A 20 1.59 -4.88 -5.39
N ILE A 21 0.83 -5.01 -4.31
CA ILE A 21 -0.19 -6.05 -4.21
C ILE A 21 -1.27 -5.86 -5.28
N SER A 22 -1.28 -6.75 -6.26
CA SER A 22 -2.26 -6.69 -7.34
C SER A 22 -3.23 -7.86 -7.27
N SER A 23 -2.89 -8.86 -6.45
CA SER A 23 -3.73 -10.05 -6.29
C SER A 23 -4.87 -9.77 -5.31
N SER A 24 -5.82 -10.70 -5.26
CA SER A 24 -6.97 -10.57 -4.38
C SER A 24 -7.10 -11.80 -3.48
N GLU A 25 -7.73 -11.63 -2.32
CA GLU A 25 -7.91 -12.72 -1.38
C GLU A 25 -8.75 -13.84 -2.00
N GLU A 26 -8.11 -14.99 -2.22
CA GLU A 26 -8.80 -16.13 -2.82
C GLU A 26 -9.59 -16.90 -1.77
N ASN A 27 -10.82 -17.26 -2.13
CA ASN A 27 -11.70 -17.99 -1.22
C ASN A 27 -11.63 -19.49 -1.49
N ASP A 28 -12.36 -20.27 -0.70
CA ASP A 28 -12.38 -21.72 -0.85
C ASP A 28 -13.40 -22.36 0.09
N PHE A 29 -14.44 -22.93 -0.49
CA PHE A 29 -15.49 -23.60 0.28
C PHE A 29 -15.76 -24.97 -0.29
N TRP A 30 -15.90 -25.00 -1.61
CA TRP A 30 -16.15 -26.23 -2.33
C TRP A 30 -15.56 -26.14 -3.73
N GLN A 31 -14.91 -27.20 -4.14
CA GLN A 31 -14.30 -27.27 -5.47
C GLN A 31 -14.96 -28.36 -6.30
N PRO A 32 -16.11 -28.06 -6.92
CA PRO A 32 -16.85 -29.02 -7.75
C PRO A 32 -16.12 -29.32 -9.06
N LYS A 33 -15.87 -28.28 -9.85
CA LYS A 33 -15.18 -28.42 -11.12
C LYS A 33 -13.73 -27.98 -11.00
N PRO A 34 -12.84 -28.50 -11.86
CA PRO A 34 -11.41 -28.15 -11.84
C PRO A 34 -11.19 -26.65 -11.89
N THR A 35 -10.60 -26.10 -10.84
CA THR A 35 -10.33 -24.67 -10.76
C THR A 35 -9.32 -24.25 -11.82
N GLU A 1 18.84 24.00 2.71
CA GLU A 1 17.87 24.65 3.64
C GLU A 1 16.45 24.20 3.33
N LYS A 2 16.24 23.68 2.13
CA LYS A 2 14.93 23.21 1.70
C LYS A 2 14.61 21.86 2.33
N LEU A 3 13.34 21.66 2.69
CA LEU A 3 12.90 20.41 3.30
C LEU A 3 11.39 20.28 3.24
N LYS A 4 10.92 19.15 2.72
CA LYS A 4 9.49 18.89 2.60
C LYS A 4 8.97 18.10 3.79
N GLN A 5 9.88 17.61 4.62
CA GLN A 5 9.51 16.84 5.80
C GLN A 5 9.11 17.76 6.97
N ASP A 6 8.97 19.05 6.67
CA ASP A 6 8.58 20.03 7.67
C ASP A 6 7.07 20.04 7.86
N ILE A 7 6.43 18.96 7.43
CA ILE A 7 4.97 18.83 7.54
C ILE A 7 4.53 18.98 8.99
N LEU A 8 4.93 18.02 9.81
CA LEU A 8 4.59 18.04 11.23
C LEU A 8 5.83 17.83 12.07
N ASN A 9 6.53 16.75 11.78
CA ASN A 9 7.75 16.39 12.49
C ASN A 9 8.37 15.12 11.89
N LEU A 10 8.45 15.07 10.57
CA LEU A 10 9.03 13.92 9.88
C LEU A 10 8.21 12.67 10.14
N ARG A 11 6.99 12.85 10.64
CA ARG A 11 6.11 11.74 10.95
C ARG A 11 5.84 10.90 9.70
N THR A 12 4.93 11.38 8.86
CA THR A 12 4.58 10.67 7.64
C THR A 12 3.71 11.54 6.73
N ASP A 13 4.19 11.80 5.53
CA ASP A 13 3.46 12.62 4.57
C ASP A 13 2.78 11.74 3.52
N ILE A 14 1.49 11.48 3.73
CA ILE A 14 0.70 10.66 2.81
C ILE A 14 1.27 9.25 2.69
N SER A 15 2.28 9.09 1.83
CA SER A 15 2.93 7.79 1.63
C SER A 15 1.95 6.78 1.02
N THR A 16 2.50 5.81 0.29
CA THR A 16 1.69 4.79 -0.35
C THR A 16 2.25 3.39 -0.07
N SER A 17 1.50 2.60 0.70
CA SER A 17 1.93 1.25 1.03
C SER A 17 1.37 0.24 0.04
N SEP A 18 0.30 0.64 -0.66
CA SEP A 18 -0.33 -0.23 -1.64
CB SEP A 18 -1.85 -0.24 -1.45
OG SEP A 18 -2.49 -1.09 -2.39
C SEP A 18 0.01 0.22 -3.06
O SEP A 18 0.28 1.38 -3.31
P SEP A 18 -4.06 -0.73 -2.44
O1P SEP A 18 -4.24 0.76 -3.01
O2P SEP A 18 -4.76 -1.66 -3.56
O3P SEP A 18 -4.74 -1.18 -1.06
H SEP A 18 -0.05 1.54 -0.51
HA SEP A 18 0.05 -1.23 -1.49
HB2 SEP A 18 -2.08 -0.60 -0.45
HB3 SEP A 18 -2.23 0.76 -1.57
N SER A 19 -0.03 -0.73 -3.99
CA SER A 19 0.27 -0.44 -5.39
C SER A 19 -0.51 -1.37 -6.32
N SER A 20 -0.57 -1.00 -7.60
CA SER A 20 -1.30 -1.80 -8.59
C SER A 20 -0.67 -3.18 -8.73
N ILE A 21 -1.33 -4.18 -8.15
CA ILE A 21 -0.84 -5.56 -8.21
C ILE A 21 -1.63 -6.38 -9.21
N SER A 22 -0.94 -7.23 -9.96
CA SER A 22 -1.59 -8.09 -10.95
C SER A 22 -2.26 -9.28 -10.28
N SER A 23 -3.59 -9.36 -10.42
CA SER A 23 -4.35 -10.45 -9.83
C SER A 23 -4.49 -11.61 -10.81
N SER A 24 -3.87 -12.74 -10.48
CA SER A 24 -3.92 -13.91 -11.33
C SER A 24 -5.04 -14.86 -10.89
N GLU A 25 -5.22 -15.94 -11.63
CA GLU A 25 -6.25 -16.92 -11.33
C GLU A 25 -5.65 -18.14 -10.64
N GLU A 26 -4.38 -18.03 -10.24
CA GLU A 26 -3.68 -19.13 -9.59
C GLU A 26 -3.61 -18.89 -8.08
N ASN A 27 -3.95 -17.68 -7.67
CA ASN A 27 -3.93 -17.32 -6.25
C ASN A 27 -5.33 -17.02 -5.74
N ASP A 28 -6.29 -16.99 -6.67
CA ASP A 28 -7.68 -16.72 -6.31
C ASP A 28 -8.62 -17.02 -7.47
N PHE A 29 -9.51 -17.98 -7.27
CA PHE A 29 -10.47 -18.39 -8.30
C PHE A 29 -11.62 -19.19 -7.70
N TRP A 30 -11.30 -19.98 -6.69
CA TRP A 30 -12.30 -20.81 -6.02
C TRP A 30 -12.81 -20.13 -4.76
N GLN A 31 -11.99 -20.13 -3.72
CA GLN A 31 -12.36 -19.52 -2.45
C GLN A 31 -13.69 -20.07 -1.94
N PRO A 32 -13.71 -21.35 -1.52
CA PRO A 32 -14.92 -22.00 -1.01
C PRO A 32 -15.36 -21.42 0.33
N LYS A 33 -14.58 -21.71 1.37
CA LYS A 33 -14.88 -21.23 2.72
C LYS A 33 -13.75 -20.32 3.22
N PRO A 34 -14.07 -19.32 4.06
CA PRO A 34 -13.08 -18.40 4.62
C PRO A 34 -12.00 -19.13 5.41
N THR A 35 -10.83 -19.29 4.79
CA THR A 35 -9.71 -19.97 5.43
C THR A 35 -9.23 -19.20 6.65
N GLU A 1 14.58 19.37 2.69
CA GLU A 1 15.26 19.36 1.37
C GLU A 1 15.83 17.98 1.06
N LYS A 2 15.76 17.09 2.04
CA LYS A 2 16.27 15.73 1.87
C LYS A 2 15.31 14.71 2.51
N LEU A 3 14.34 15.22 3.27
CA LEU A 3 13.37 14.36 3.92
C LEU A 3 11.95 14.83 3.62
N LYS A 4 11.13 13.94 3.09
CA LYS A 4 9.76 14.25 2.75
C LYS A 4 8.79 13.72 3.82
N GLN A 5 9.36 13.19 4.89
CA GLN A 5 8.56 12.65 5.99
C GLN A 5 8.23 13.72 7.01
N ASP A 6 7.02 14.26 6.93
CA ASP A 6 6.57 15.30 7.84
C ASP A 6 5.12 15.06 8.24
N ILE A 7 4.51 16.03 8.93
CA ILE A 7 3.14 15.91 9.38
C ILE A 7 2.26 17.02 8.80
N LEU A 8 2.66 17.56 7.66
CA LEU A 8 1.91 18.62 7.00
C LEU A 8 1.95 18.48 5.49
N ASN A 9 2.85 17.64 5.02
CA ASN A 9 2.99 17.40 3.58
C ASN A 9 2.00 16.35 3.10
N LEU A 10 1.73 15.36 3.95
CA LEU A 10 0.81 14.29 3.62
C LEU A 10 0.49 13.46 4.85
N ARG A 11 -0.79 13.14 5.04
CA ARG A 11 -1.23 12.34 6.18
C ARG A 11 -0.73 10.90 6.05
N THR A 12 -0.02 10.44 7.07
CA THR A 12 0.53 9.09 7.10
C THR A 12 1.25 8.75 5.80
N ASP A 13 2.56 9.01 5.77
CA ASP A 13 3.36 8.73 4.58
C ASP A 13 4.02 7.35 4.66
N ILE A 14 3.51 6.43 3.85
CA ILE A 14 4.04 5.06 3.82
C ILE A 14 3.91 4.47 2.41
N SER A 15 4.99 3.86 1.92
CA SER A 15 4.99 3.25 0.60
C SER A 15 5.19 1.74 0.68
N THR A 16 4.44 1.01 -0.13
CA THR A 16 4.52 -0.44 -0.16
C THR A 16 5.15 -0.93 -1.45
N SER A 17 5.85 -0.02 -2.14
CA SER A 17 6.52 -0.33 -3.40
C SER A 17 5.55 -1.01 -4.38
N SEP A 18 4.27 -0.70 -4.25
CA SEP A 18 3.25 -1.27 -5.12
CB SEP A 18 2.78 -2.62 -4.58
OG SEP A 18 2.27 -2.48 -3.26
C SEP A 18 2.07 -0.32 -5.26
O SEP A 18 1.85 0.55 -4.42
P SEP A 18 1.44 -3.81 -2.89
O1P SEP A 18 0.27 -4.01 -3.97
O2P SEP A 18 2.38 -5.10 -3.09
O3P SEP A 18 1.12 -3.81 -1.30
H SEP A 18 4.00 -0.07 -3.55
HA SEP A 18 3.70 -1.42 -6.10
HB2 SEP A 18 2.00 -3.01 -5.21
HB3 SEP A 18 3.62 -3.31 -4.56
N SER A 19 1.30 -0.50 -6.34
CA SER A 19 0.12 0.34 -6.58
C SER A 19 -0.83 -0.34 -7.57
N SER A 20 -0.27 -1.13 -8.48
CA SER A 20 -1.08 -1.83 -9.47
C SER A 20 -1.89 -2.95 -8.83
N ILE A 21 -3.18 -2.72 -8.67
CA ILE A 21 -4.08 -3.70 -8.07
C ILE A 21 -3.61 -4.09 -6.67
N SER A 22 -4.21 -3.47 -5.66
CA SER A 22 -3.86 -3.76 -4.27
C SER A 22 -5.07 -4.27 -3.50
N SER A 23 -4.86 -4.60 -2.22
CA SER A 23 -5.92 -5.11 -1.38
C SER A 23 -5.82 -4.54 0.03
N SER A 24 -6.97 -4.11 0.58
CA SER A 24 -6.99 -3.55 1.92
C SER A 24 -7.28 -4.62 2.96
N GLU A 25 -8.06 -5.62 2.57
CA GLU A 25 -8.41 -6.71 3.48
C GLU A 25 -8.83 -7.95 2.70
N GLU A 26 -8.74 -7.89 1.38
CA GLU A 26 -9.10 -9.02 0.52
C GLU A 26 -8.09 -10.16 0.68
N ASN A 27 -8.60 -11.38 0.73
CA ASN A 27 -7.74 -12.55 0.89
C ASN A 27 -7.44 -13.19 -0.46
N ASP A 28 -6.36 -12.74 -1.10
CA ASP A 28 -5.95 -13.26 -2.40
C ASP A 28 -4.62 -12.65 -2.83
N PHE A 29 -3.59 -13.48 -2.91
CA PHE A 29 -2.27 -13.02 -3.31
C PHE A 29 -1.68 -13.93 -4.37
N TRP A 30 -1.91 -15.22 -4.20
CA TRP A 30 -1.40 -16.22 -5.13
C TRP A 30 -2.42 -16.52 -6.21
N GLN A 31 -3.25 -17.53 -5.98
CA GLN A 31 -4.28 -17.92 -6.93
C GLN A 31 -5.33 -18.82 -6.27
N PRO A 32 -5.92 -18.36 -5.15
CA PRO A 32 -6.93 -19.14 -4.42
C PRO A 32 -8.30 -19.07 -5.09
N LYS A 33 -8.92 -20.23 -5.26
CA LYS A 33 -10.24 -20.31 -5.88
C LYS A 33 -11.07 -21.43 -5.25
N PRO A 34 -12.41 -21.33 -5.31
CA PRO A 34 -13.31 -22.34 -4.75
C PRO A 34 -13.12 -23.70 -5.41
N THR A 35 -12.79 -24.70 -4.60
CA THR A 35 -12.57 -26.05 -5.10
C THR A 35 -13.82 -26.58 -5.82
N GLU A 1 7.25 24.08 -0.83
CA GLU A 1 5.91 24.71 -0.97
C GLU A 1 4.91 23.74 -1.60
N LYS A 2 5.35 22.99 -2.60
CA LYS A 2 4.49 22.03 -3.27
C LYS A 2 4.98 20.60 -3.06
N LEU A 3 5.89 20.43 -2.10
CA LEU A 3 6.44 19.12 -1.81
C LEU A 3 6.07 18.68 -0.39
N LYS A 4 5.56 17.46 -0.27
CA LYS A 4 5.18 16.92 1.03
C LYS A 4 6.09 15.77 1.44
N GLN A 5 5.94 15.30 2.67
CA GLN A 5 6.73 14.20 3.19
C GLN A 5 8.23 14.53 3.12
N ASP A 6 8.78 14.94 4.25
CA ASP A 6 10.19 15.30 4.32
C ASP A 6 10.87 14.59 5.49
N ILE A 7 12.14 14.93 5.72
CA ILE A 7 12.91 14.34 6.80
C ILE A 7 12.66 15.10 8.10
N LEU A 8 12.02 16.25 7.99
CA LEU A 8 11.73 17.07 9.16
C LEU A 8 10.23 17.39 9.22
N ASN A 9 9.54 17.09 8.14
CA ASN A 9 8.10 17.33 8.05
C ASN A 9 7.32 16.03 8.25
N LEU A 10 8.05 14.93 8.30
CA LEU A 10 7.43 13.61 8.48
C LEU A 10 8.48 12.62 8.98
N ARG A 11 8.03 11.71 9.83
CA ARG A 11 8.92 10.69 10.40
C ARG A 11 9.80 10.04 9.34
N THR A 12 9.26 9.02 8.69
CA THR A 12 9.98 8.31 7.64
C THR A 12 9.02 7.59 6.69
N ASP A 13 8.82 8.17 5.52
CA ASP A 13 7.92 7.58 4.51
C ASP A 13 8.34 7.99 3.10
N ILE A 14 8.64 7.01 2.27
CA ILE A 14 9.04 7.26 0.89
C ILE A 14 8.96 5.99 0.05
N SER A 15 8.39 6.12 -1.15
CA SER A 15 8.26 4.98 -2.06
C SER A 15 7.51 3.83 -1.40
N THR A 16 6.79 4.13 -0.32
CA THR A 16 6.02 3.11 0.40
C THR A 16 4.52 3.25 0.11
N SER A 17 4.06 4.50 0.01
CA SER A 17 2.65 4.76 -0.25
C SER A 17 2.47 5.71 -1.43
N SEP A 18 1.28 5.68 -2.02
CA SEP A 18 0.96 6.54 -3.16
CB SEP A 18 1.02 8.02 -2.75
OG SEP A 18 -0.03 8.34 -1.85
C SEP A 18 1.92 6.29 -4.33
O SEP A 18 1.97 7.07 -5.28
P SEP A 18 0.26 9.77 -1.20
O1P SEP A 18 -0.89 10.10 -0.12
O2P SEP A 18 1.61 9.71 -0.34
O3P SEP A 18 0.60 10.82 -2.38
H SEP A 18 0.59 5.07 -1.70
HA SEP A 18 -0.04 6.31 -3.48
HB2 SEP A 18 1.97 8.21 -2.27
HB3 SEP A 18 0.93 8.64 -3.63
N SER A 19 2.65 5.19 -4.26
CA SER A 19 3.60 4.83 -5.30
C SER A 19 3.09 3.63 -6.10
N SER A 20 2.96 2.50 -5.42
CA SER A 20 2.49 1.27 -6.05
C SER A 20 1.89 0.32 -5.01
N ILE A 21 0.56 0.30 -4.95
CA ILE A 21 -0.14 -0.56 -3.99
C ILE A 21 -0.96 -1.62 -4.71
N SER A 22 -0.84 -2.86 -4.24
CA SER A 22 -1.57 -3.98 -4.85
C SER A 22 -1.73 -5.12 -3.86
N SER A 23 -2.98 -5.51 -3.61
CA SER A 23 -3.28 -6.59 -2.68
C SER A 23 -3.60 -7.88 -3.42
N SER A 24 -2.69 -8.84 -3.35
CA SER A 24 -2.88 -10.13 -4.01
C SER A 24 -3.60 -11.11 -3.09
N GLU A 25 -4.06 -10.63 -1.95
CA GLU A 25 -4.76 -11.47 -0.99
C GLU A 25 -6.07 -12.00 -1.57
N GLU A 26 -6.99 -11.09 -1.85
CA GLU A 26 -8.28 -11.47 -2.42
C GLU A 26 -8.11 -12.09 -3.80
N ASN A 27 -8.98 -13.04 -4.13
CA ASN A 27 -8.93 -13.72 -5.42
C ASN A 27 -10.30 -14.26 -5.81
N ASP A 28 -10.52 -14.44 -7.10
CA ASP A 28 -11.78 -14.96 -7.60
C ASP A 28 -11.55 -15.98 -8.72
N PHE A 29 -11.75 -17.24 -8.40
CA PHE A 29 -11.56 -18.31 -9.38
C PHE A 29 -12.05 -19.65 -8.83
N TRP A 30 -11.99 -19.79 -7.51
CA TRP A 30 -12.43 -21.01 -6.85
C TRP A 30 -13.18 -20.68 -5.57
N GLN A 31 -14.27 -21.39 -5.35
CA GLN A 31 -15.10 -21.21 -4.17
C GLN A 31 -15.13 -22.49 -3.35
N PRO A 32 -14.10 -22.72 -2.52
CA PRO A 32 -14.01 -23.92 -1.67
C PRO A 32 -15.00 -23.89 -0.51
N LYS A 33 -15.32 -25.07 0.01
CA LYS A 33 -16.26 -25.18 1.12
C LYS A 33 -15.52 -25.01 2.46
N PRO A 34 -16.24 -24.57 3.51
CA PRO A 34 -15.63 -24.38 4.83
C PRO A 34 -14.91 -25.62 5.33
N THR A 35 -13.58 -25.58 5.29
CA THR A 35 -12.77 -26.71 5.74
C THR A 35 -13.11 -27.12 7.17
N GLU A 1 -3.72 16.35 2.39
CA GLU A 1 -2.30 16.76 2.36
C GLU A 1 -2.17 18.28 2.36
N LYS A 2 -1.12 18.78 2.99
CA LYS A 2 -0.88 20.22 3.06
C LYS A 2 0.61 20.52 3.26
N LEU A 3 1.35 19.50 3.70
CA LEU A 3 2.78 19.64 3.93
C LEU A 3 3.50 18.33 3.64
N LYS A 4 4.56 18.41 2.86
CA LYS A 4 5.34 17.24 2.49
C LYS A 4 6.69 17.23 3.22
N GLN A 5 7.51 18.24 2.93
CA GLN A 5 8.82 18.36 3.55
C GLN A 5 8.69 18.79 5.00
N ASP A 6 9.54 18.24 5.87
CA ASP A 6 9.52 18.57 7.28
C ASP A 6 10.85 18.19 7.93
N ILE A 7 11.12 18.79 9.09
CA ILE A 7 12.35 18.52 9.83
C ILE A 7 12.28 17.18 10.55
N LEU A 8 11.11 16.55 10.50
CA LEU A 8 10.91 15.25 11.15
C LEU A 8 10.50 14.19 10.13
N ASN A 9 10.21 14.64 8.91
CA ASN A 9 9.82 13.73 7.85
C ASN A 9 10.84 13.75 6.72
N LEU A 10 11.80 14.67 6.82
CA LEU A 10 12.85 14.82 5.82
C LEU A 10 12.27 15.27 4.49
N ARG A 11 12.87 16.32 3.93
CA ARG A 11 12.41 16.89 2.66
C ARG A 11 12.33 15.82 1.57
N THR A 12 13.02 14.70 1.78
CA THR A 12 13.02 13.61 0.81
C THR A 12 12.76 12.27 1.49
N ASP A 13 11.51 11.81 1.41
CA ASP A 13 11.13 10.53 2.01
C ASP A 13 10.45 9.63 0.98
N ILE A 14 10.38 10.12 -0.26
CA ILE A 14 9.75 9.36 -1.34
C ILE A 14 10.61 8.17 -1.75
N SER A 15 10.10 6.97 -1.49
CA SER A 15 10.81 5.75 -1.83
C SER A 15 9.91 4.53 -1.70
N THR A 16 9.46 4.00 -2.84
CA THR A 16 8.58 2.84 -2.86
C THR A 16 7.38 3.02 -1.93
N SER A 17 7.04 4.28 -1.63
CA SER A 17 5.93 4.57 -0.75
C SER A 17 4.59 4.45 -1.49
N SEP A 18 4.42 5.28 -2.52
CA SEP A 18 3.19 5.26 -3.31
CB SEP A 18 3.04 6.58 -4.07
OG SEP A 18 3.00 7.69 -3.18
C SEP A 18 3.20 4.09 -4.29
O SEP A 18 2.26 3.93 -5.08
P SEP A 18 3.01 9.05 -4.02
O1P SEP A 18 1.61 9.20 -4.80
O2P SEP A 18 3.02 10.30 -3.01
O3P SEP A 18 4.41 9.17 -4.80
H SEP A 18 5.13 5.92 -2.74
HA SEP A 18 2.36 5.15 -2.64
HB2 SEP A 18 3.88 6.71 -4.74
HB3 SEP A 18 2.13 6.57 -4.64
N SER A 19 4.26 3.29 -4.25
CA SER A 19 4.38 2.14 -5.14
C SER A 19 4.09 0.84 -4.39
N SER A 20 2.90 0.28 -4.62
CA SER A 20 2.51 -0.96 -3.98
C SER A 20 2.48 -2.11 -4.98
N ILE A 21 2.13 -3.30 -4.51
CA ILE A 21 2.09 -4.48 -5.36
C ILE A 21 0.94 -5.39 -4.96
N SER A 22 0.31 -6.03 -5.94
CA SER A 22 -0.81 -6.95 -5.70
C SER A 22 -1.97 -6.21 -5.03
N SER A 23 -3.05 -6.95 -4.76
CA SER A 23 -4.22 -6.38 -4.13
C SER A 23 -5.10 -7.47 -3.52
N SER A 24 -6.03 -7.07 -2.66
CA SER A 24 -6.93 -8.02 -2.02
C SER A 24 -7.96 -8.55 -3.02
N GLU A 25 -8.66 -9.61 -2.62
CA GLU A 25 -9.67 -10.22 -3.49
C GLU A 25 -10.86 -10.71 -2.67
N GLU A 26 -12.00 -10.84 -3.35
CA GLU A 26 -13.23 -11.31 -2.70
C GLU A 26 -13.93 -12.36 -3.56
N ASN A 27 -13.27 -12.75 -4.65
CA ASN A 27 -13.82 -13.75 -5.55
C ASN A 27 -13.84 -15.14 -4.89
N ASP A 28 -14.08 -16.17 -5.70
CA ASP A 28 -14.13 -17.54 -5.21
C ASP A 28 -15.25 -17.71 -4.17
N PHE A 29 -16.34 -18.33 -4.60
CA PHE A 29 -17.48 -18.57 -3.73
C PHE A 29 -17.79 -20.06 -3.64
N TRP A 30 -17.30 -20.82 -4.61
CA TRP A 30 -17.52 -22.25 -4.67
C TRP A 30 -16.89 -22.94 -3.46
N GLN A 31 -15.62 -23.30 -3.59
CA GLN A 31 -14.90 -23.97 -2.52
C GLN A 31 -13.49 -23.37 -2.38
N PRO A 32 -13.40 -22.10 -1.95
CA PRO A 32 -12.11 -21.41 -1.78
C PRO A 32 -11.28 -22.00 -0.64
N LYS A 33 -11.81 -23.05 0.00
CA LYS A 33 -11.11 -23.71 1.10
C LYS A 33 -9.84 -24.40 0.59
N PRO A 34 -8.86 -24.64 1.49
CA PRO A 34 -7.60 -25.29 1.12
C PRO A 34 -7.78 -26.78 0.83
N THR A 35 -9.04 -27.23 0.81
CA THR A 35 -9.36 -28.62 0.54
C THR A 35 -8.50 -29.56 1.37
N GLU A 1 10.31 28.55 6.26
CA GLU A 1 10.67 27.64 7.36
C GLU A 1 9.71 26.46 7.43
N LYS A 2 8.51 26.65 6.93
CA LYS A 2 7.49 25.60 6.93
C LYS A 2 7.69 24.64 5.76
N LEU A 3 7.53 23.34 6.03
CA LEU A 3 7.69 22.33 5.00
C LEU A 3 7.23 20.97 5.51
N LYS A 4 6.47 20.25 4.69
CA LYS A 4 5.97 18.94 5.06
C LYS A 4 6.84 17.84 4.44
N GLN A 5 7.37 16.97 5.29
CA GLN A 5 8.23 15.89 4.81
C GLN A 5 8.00 14.61 5.61
N ASP A 6 7.86 14.75 6.93
CA ASP A 6 7.63 13.61 7.79
C ASP A 6 6.28 13.72 8.50
N ILE A 7 5.29 12.99 7.99
CA ILE A 7 3.94 13.01 8.56
C ILE A 7 3.40 11.59 8.75
N LEU A 8 3.53 10.78 7.70
CA LEU A 8 3.05 9.41 7.74
C LEU A 8 3.89 8.53 6.84
N ASN A 9 4.69 9.16 5.99
CA ASN A 9 5.55 8.44 5.06
C ASN A 9 6.81 7.94 5.78
N LEU A 10 7.34 8.79 6.65
CA LEU A 10 8.55 8.44 7.40
C LEU A 10 9.73 8.19 6.46
N ARG A 11 9.58 8.63 5.21
CA ARG A 11 10.64 8.45 4.22
C ARG A 11 11.50 9.72 4.09
N THR A 12 11.17 10.55 3.12
CA THR A 12 11.91 11.78 2.88
C THR A 12 11.03 12.84 2.23
N ASP A 13 10.88 12.75 0.91
CA ASP A 13 10.06 13.70 0.16
C ASP A 13 9.85 13.22 -1.27
N ILE A 14 8.83 12.37 -1.46
CA ILE A 14 8.53 11.85 -2.79
C ILE A 14 7.18 11.12 -2.80
N SER A 15 6.93 10.33 -1.75
CA SER A 15 5.68 9.58 -1.65
C SER A 15 5.49 8.68 -2.88
N THR A 16 5.90 7.42 -2.76
CA THR A 16 5.78 6.47 -3.86
C THR A 16 4.99 5.24 -3.43
N SER A 17 3.84 5.04 -4.06
CA SER A 17 2.98 3.90 -3.75
C SER A 17 3.19 2.79 -4.77
N SEP A 18 4.31 2.85 -5.49
CA SEP A 18 4.64 1.86 -6.50
CB SEP A 18 4.75 0.46 -5.87
OG SEP A 18 5.08 -0.52 -6.85
C SEP A 18 3.61 1.84 -7.62
O SEP A 18 2.57 2.51 -7.53
P SEP A 18 6.65 -0.84 -6.76
O1P SEP A 18 7.08 -1.68 -8.06
O2P SEP A 18 7.48 0.53 -6.90
O3P SEP A 18 7.01 -1.36 -5.28
H SEP A 18 4.94 3.59 -5.32
HA SEP A 18 5.60 2.13 -6.92
HB2 SEP A 18 5.53 0.47 -5.12
HB3 SEP A 18 3.81 0.20 -5.42
N SER A 19 3.89 1.10 -8.67
CA SER A 19 2.98 1.01 -9.82
C SER A 19 1.69 0.29 -9.43
N SER A 20 1.83 -0.91 -8.86
CA SER A 20 0.67 -1.69 -8.45
C SER A 20 0.96 -2.45 -7.15
N ILE A 21 0.10 -2.26 -6.16
CA ILE A 21 0.26 -2.91 -4.87
C ILE A 21 -1.06 -3.59 -4.46
N SER A 22 -1.99 -3.66 -5.40
CA SER A 22 -3.29 -4.28 -5.14
C SER A 22 -3.23 -5.79 -5.36
N SER A 23 -4.13 -6.51 -4.69
CA SER A 23 -4.19 -7.97 -4.80
C SER A 23 -5.55 -8.41 -5.36
N SER A 24 -5.62 -9.66 -5.79
CA SER A 24 -6.85 -10.20 -6.35
C SER A 24 -6.77 -11.72 -6.48
N GLU A 25 -5.64 -12.29 -6.07
CA GLU A 25 -5.43 -13.74 -6.14
C GLU A 25 -6.01 -14.43 -4.91
N GLU A 26 -5.33 -14.29 -3.78
CA GLU A 26 -5.78 -14.91 -2.54
C GLU A 26 -6.91 -14.10 -1.91
N ASN A 27 -8.13 -14.61 -2.02
CA ASN A 27 -9.29 -13.94 -1.46
C ASN A 27 -10.01 -14.84 -0.46
N ASP A 28 -10.60 -14.23 0.55
CA ASP A 28 -11.31 -14.97 1.59
C ASP A 28 -12.55 -14.21 2.06
N PHE A 29 -13.72 -14.82 1.87
CA PHE A 29 -14.98 -14.20 2.27
C PHE A 29 -16.16 -15.17 2.07
N TRP A 30 -16.03 -16.04 1.08
CA TRP A 30 -17.08 -17.01 0.78
C TRP A 30 -16.68 -18.42 1.21
N GLN A 31 -16.16 -19.20 0.26
CA GLN A 31 -15.75 -20.57 0.56
C GLN A 31 -14.49 -20.93 -0.23
N PRO A 32 -13.34 -20.33 0.14
CA PRO A 32 -12.06 -20.60 -0.53
C PRO A 32 -11.53 -21.99 -0.24
N LYS A 33 -10.97 -22.62 -1.27
CA LYS A 33 -10.42 -23.97 -1.13
C LYS A 33 -9.15 -24.10 -1.97
N PRO A 34 -8.28 -25.09 -1.63
CA PRO A 34 -7.02 -25.31 -2.36
C PRO A 34 -7.24 -25.58 -3.84
N THR A 35 -8.50 -25.79 -4.21
CA THR A 35 -8.85 -26.06 -5.60
C THR A 35 -10.22 -25.48 -5.95
N GLU A 1 6.45 13.81 -4.03
CA GLU A 1 5.11 13.92 -4.66
C GLU A 1 4.11 12.99 -3.99
N LYS A 2 2.82 13.31 -4.13
CA LYS A 2 1.77 12.50 -3.54
C LYS A 2 1.93 12.41 -2.02
N LEU A 3 1.19 13.26 -1.30
CA LEU A 3 1.24 13.29 0.15
C LEU A 3 2.61 13.73 0.65
N LYS A 4 2.62 14.55 1.70
CA LYS A 4 3.86 15.04 2.26
C LYS A 4 4.17 14.38 3.61
N GLN A 5 5.41 14.51 4.05
CA GLN A 5 5.83 13.92 5.32
C GLN A 5 5.30 14.73 6.50
N ASP A 6 5.35 14.14 7.69
CA ASP A 6 4.88 14.80 8.90
C ASP A 6 5.62 14.27 10.13
N ILE A 7 5.04 14.45 11.30
CA ILE A 7 5.64 14.00 12.56
C ILE A 7 5.39 12.51 12.77
N LEU A 8 5.26 11.77 11.67
CA LEU A 8 5.02 10.33 11.74
C LEU A 8 5.87 9.59 10.71
N ASN A 9 6.57 10.34 9.86
CA ASN A 9 7.41 9.75 8.84
C ASN A 9 8.33 10.79 8.22
N LEU A 10 8.80 11.72 9.05
CA LEU A 10 9.70 12.78 8.57
C LEU A 10 11.08 12.22 8.24
N ARG A 11 11.19 10.90 8.28
CA ARG A 11 12.46 10.23 7.98
C ARG A 11 12.86 10.45 6.53
N THR A 12 12.27 9.67 5.64
CA THR A 12 12.56 9.78 4.20
C THR A 12 11.26 9.91 3.40
N ASP A 13 10.15 10.05 4.11
CA ASP A 13 8.84 10.18 3.47
C ASP A 13 8.57 9.01 2.52
N ILE A 14 8.03 7.92 3.08
CA ILE A 14 7.71 6.75 2.29
C ILE A 14 6.44 6.95 1.48
N SER A 15 5.34 7.20 2.19
CA SER A 15 4.04 7.43 1.56
C SER A 15 3.62 6.23 0.71
N THR A 16 2.75 5.40 1.28
CA THR A 16 2.26 4.21 0.58
C THR A 16 0.74 4.14 0.62
N SER A 17 0.12 4.28 -0.55
CA SER A 17 -1.33 4.24 -0.66
C SER A 17 -1.77 3.02 -1.46
N SEP A 18 -1.10 2.77 -2.58
CA SEP A 18 -1.41 1.64 -3.43
CB SEP A 18 -2.31 2.07 -4.59
OG SEP A 18 -2.74 0.95 -5.35
C SEP A 18 -0.15 0.99 -3.97
O SEP A 18 0.84 1.68 -4.24
P SEP A 18 -4.32 1.06 -5.60
O1P SEP A 18 -4.61 2.24 -6.67
O2P SEP A 18 -4.83 -0.27 -6.34
O3P SEP A 18 -5.09 1.04 -4.19
H SEP A 18 -0.37 3.37 -2.83
HA SEP A 18 -1.95 0.91 -2.83
HB2 SEP A 18 -3.18 2.58 -4.19
HB3 SEP A 18 -1.76 2.74 -5.23
N SER A 19 -0.17 -0.33 -4.12
CA SER A 19 0.98 -1.06 -4.62
C SER A 19 1.12 -0.89 -6.13
N SER A 20 2.35 -0.75 -6.60
CA SER A 20 2.62 -0.58 -8.02
C SER A 20 2.45 -1.89 -8.77
N ILE A 21 2.13 -2.95 -8.04
CA ILE A 21 1.93 -4.27 -8.65
C ILE A 21 0.71 -4.28 -9.56
N SER A 22 0.89 -4.79 -10.77
CA SER A 22 -0.20 -4.87 -11.73
C SER A 22 -1.14 -6.02 -11.39
N SER A 23 -0.60 -7.23 -11.35
CA SER A 23 -1.39 -8.42 -11.03
C SER A 23 -1.25 -8.78 -9.56
N SER A 24 -2.34 -8.63 -8.81
CA SER A 24 -2.34 -8.95 -7.39
C SER A 24 -3.64 -9.62 -6.98
N GLU A 25 -3.54 -10.87 -6.53
CA GLU A 25 -4.70 -11.64 -6.10
C GLU A 25 -5.73 -11.76 -7.23
N GLU A 26 -5.63 -12.84 -8.00
CA GLU A 26 -6.55 -13.07 -9.11
C GLU A 26 -7.77 -13.84 -8.63
N ASN A 27 -7.70 -14.34 -7.40
CA ASN A 27 -8.80 -15.10 -6.82
C ASN A 27 -9.48 -14.31 -5.71
N ASP A 28 -10.81 -14.37 -5.70
CA ASP A 28 -11.60 -13.66 -4.69
C ASP A 28 -12.63 -14.59 -4.06
N PHE A 29 -12.40 -15.89 -4.19
CA PHE A 29 -13.31 -16.89 -3.62
C PHE A 29 -12.56 -17.86 -2.72
N TRP A 30 -11.24 -17.89 -2.86
CA TRP A 30 -10.42 -18.78 -2.05
C TRP A 30 -10.08 -18.15 -0.70
N GLN A 31 -8.91 -17.54 -0.60
CA GLN A 31 -8.48 -16.91 0.64
C GLN A 31 -7.68 -15.63 0.36
N PRO A 32 -8.33 -14.59 -0.17
CA PRO A 32 -7.67 -13.31 -0.49
C PRO A 32 -7.18 -12.60 0.78
N LYS A 33 -7.93 -12.75 1.86
CA LYS A 33 -7.57 -12.13 3.13
C LYS A 33 -8.05 -12.97 4.31
N PRO A 34 -7.34 -12.92 5.45
CA PRO A 34 -7.70 -13.69 6.65
C PRO A 34 -9.01 -13.22 7.28
N THR A 35 -9.63 -12.21 6.67
CA THR A 35 -10.89 -11.66 7.15
C THR A 35 -10.83 -11.36 8.65
N GLU A 1 9.38 20.87 14.46
CA GLU A 1 10.71 20.25 14.71
C GLU A 1 10.68 18.76 14.38
N LYS A 2 9.51 18.16 14.47
CA LYS A 2 9.34 16.74 14.19
C LYS A 2 8.18 16.51 13.23
N LEU A 3 7.48 17.58 12.89
CA LEU A 3 6.35 17.50 11.99
C LEU A 3 6.77 17.72 10.54
N LYS A 4 7.99 17.29 10.22
CA LYS A 4 8.53 17.44 8.89
C LYS A 4 8.19 16.23 8.02
N GLN A 5 8.80 16.15 6.85
CA GLN A 5 8.57 15.05 5.92
C GLN A 5 7.11 15.01 5.47
N ASP A 6 6.28 14.34 6.26
CA ASP A 6 4.86 14.23 5.95
C ASP A 6 4.09 15.44 6.49
N ILE A 7 4.14 16.54 5.75
CA ILE A 7 3.45 17.75 6.14
C ILE A 7 2.93 18.50 4.92
N LEU A 8 3.74 18.56 3.88
CA LEU A 8 3.37 19.23 2.64
C LEU A 8 4.40 18.96 1.55
N ASN A 9 5.55 18.46 1.97
CA ASN A 9 6.64 18.14 1.05
C ASN A 9 6.72 16.63 0.79
N LEU A 10 5.60 15.95 0.97
CA LEU A 10 5.55 14.50 0.76
C LEU A 10 5.61 14.17 -0.73
N ARG A 11 5.81 15.19 -1.54
CA ARG A 11 5.89 15.02 -2.99
C ARG A 11 7.36 14.99 -3.43
N THR A 12 8.25 15.47 -2.56
CA THR A 12 9.67 15.49 -2.86
C THR A 12 10.34 14.19 -2.43
N ASP A 13 10.04 13.74 -1.22
CA ASP A 13 10.62 12.50 -0.69
C ASP A 13 10.26 11.32 -1.59
N ILE A 14 11.19 10.94 -2.45
CA ILE A 14 10.97 9.82 -3.37
C ILE A 14 10.94 8.49 -2.62
N SER A 15 9.78 7.85 -2.66
CA SER A 15 9.60 6.56 -2.00
C SER A 15 8.61 5.69 -2.75
N THR A 16 8.55 4.41 -2.40
CA THR A 16 7.65 3.47 -3.06
C THR A 16 6.19 3.86 -2.82
N SER A 17 5.63 4.63 -3.75
CA SER A 17 4.24 5.06 -3.64
C SER A 17 3.45 4.67 -4.89
N SEP A 18 4.10 3.97 -5.81
CA SEP A 18 3.47 3.53 -7.04
CB SEP A 18 4.46 3.57 -8.20
OG SEP A 18 4.92 4.88 -8.44
C SEP A 18 2.89 2.13 -6.88
O SEP A 18 2.07 1.69 -7.69
P SEP A 18 5.52 4.96 -9.94
O1P SEP A 18 6.64 3.82 -10.12
O2P SEP A 18 4.37 4.54 -10.98
O3P SEP A 18 5.84 6.49 -10.29
H SEP A 18 5.05 3.73 -5.65
HA SEP A 18 2.66 4.22 -7.26
HB2 SEP A 18 5.31 2.94 -7.96
HB3 SEP A 18 3.99 3.19 -9.10
N SER A 19 3.34 1.43 -5.85
CA SER A 19 2.87 0.07 -5.58
C SER A 19 3.24 -0.87 -6.72
N SER A 20 2.99 -2.16 -6.52
CA SER A 20 3.29 -3.16 -7.54
C SER A 20 2.39 -4.39 -7.38
N ILE A 21 1.97 -4.65 -6.14
CA ILE A 21 1.12 -5.80 -5.86
C ILE A 21 -0.28 -5.59 -6.44
N SER A 22 -0.98 -6.70 -6.68
CA SER A 22 -2.33 -6.64 -7.25
C SER A 22 -3.33 -7.30 -6.31
N SER A 23 -4.60 -7.28 -6.70
CA SER A 23 -5.66 -7.87 -5.89
C SER A 23 -6.61 -8.70 -6.76
N SER A 24 -6.43 -8.62 -8.07
CA SER A 24 -7.27 -9.35 -9.01
C SER A 24 -6.56 -10.60 -9.52
N GLU A 25 -7.10 -11.76 -9.16
CA GLU A 25 -6.52 -13.04 -9.57
C GLU A 25 -7.56 -14.16 -9.54
N GLU A 26 -8.04 -14.47 -8.34
CA GLU A 26 -9.05 -15.52 -8.18
C GLU A 26 -10.21 -15.02 -7.33
N ASN A 27 -11.33 -15.75 -7.36
CA ASN A 27 -12.52 -15.38 -6.59
C ASN A 27 -12.58 -16.14 -5.28
N ASP A 28 -11.49 -16.81 -4.93
CA ASP A 28 -11.42 -17.59 -3.69
C ASP A 28 -12.44 -18.73 -3.71
N PHE A 29 -11.96 -19.93 -4.03
CA PHE A 29 -12.83 -21.10 -4.08
C PHE A 29 -12.42 -22.13 -3.03
N TRP A 30 -11.17 -22.02 -2.58
CA TRP A 30 -10.64 -22.93 -1.58
C TRP A 30 -11.20 -22.64 -0.19
N GLN A 31 -10.74 -21.55 0.41
CA GLN A 31 -11.19 -21.15 1.74
C GLN A 31 -10.94 -22.27 2.76
N PRO A 32 -9.66 -22.53 3.07
CA PRO A 32 -9.28 -23.57 4.05
C PRO A 32 -9.50 -23.11 5.49
N LYS A 33 -9.39 -21.81 5.70
CA LYS A 33 -9.57 -21.24 7.04
C LYS A 33 -11.02 -20.86 7.27
N PRO A 34 -11.46 -20.79 8.55
CA PRO A 34 -12.83 -20.43 8.90
C PRO A 34 -13.26 -19.12 8.24
N THR A 35 -14.13 -19.21 7.24
CA THR A 35 -14.61 -18.04 6.54
C THR A 35 -15.44 -17.14 7.45
N GLU A 1 6.87 21.92 -5.97
CA GLU A 1 7.01 20.54 -5.43
C GLU A 1 7.45 20.56 -3.98
N LYS A 2 6.93 19.62 -3.19
CA LYS A 2 7.28 19.53 -1.77
C LYS A 2 7.22 18.07 -1.31
N LEU A 3 6.12 17.40 -1.63
CA LEU A 3 5.93 16.01 -1.24
C LEU A 3 6.08 15.82 0.26
N LYS A 4 5.82 16.89 0.98
CA LYS A 4 5.91 16.90 2.44
C LYS A 4 7.23 16.30 2.92
N GLN A 5 8.20 17.16 3.19
CA GLN A 5 9.51 16.72 3.66
C GLN A 5 9.78 17.22 5.08
N ASP A 6 10.02 16.28 6.00
CA ASP A 6 10.31 16.62 7.38
C ASP A 6 11.48 15.79 7.91
N ILE A 7 12.63 16.44 8.01
CA ILE A 7 13.84 15.77 8.50
C ILE A 7 14.10 16.11 9.97
N LEU A 8 13.74 17.33 10.35
CA LEU A 8 13.94 17.79 11.72
C LEU A 8 12.65 18.37 12.28
N ASN A 9 11.69 18.63 11.40
CA ASN A 9 10.41 19.18 11.80
C ASN A 9 9.47 18.06 12.22
N LEU A 10 9.71 16.87 11.69
CA LEU A 10 8.90 15.70 12.00
C LEU A 10 9.60 14.43 11.54
N ARG A 11 8.82 13.41 11.18
CA ARG A 11 9.37 12.15 10.72
C ARG A 11 9.56 12.16 9.20
N THR A 12 10.25 11.16 8.69
CA THR A 12 10.50 11.05 7.25
C THR A 12 9.50 10.12 6.59
N ASP A 13 8.38 10.68 6.15
CA ASP A 13 7.33 9.91 5.49
C ASP A 13 7.62 9.76 4.00
N ILE A 14 8.15 8.60 3.61
CA ILE A 14 8.45 8.34 2.21
C ILE A 14 7.22 7.88 1.44
N SER A 15 6.29 7.24 2.15
CA SER A 15 5.07 6.75 1.55
C SER A 15 4.18 7.92 1.10
N THR A 16 3.57 7.77 -0.07
CA THR A 16 2.71 8.82 -0.62
C THR A 16 1.35 8.24 -1.04
N SER A 17 1.38 7.08 -1.68
CA SER A 17 0.17 6.42 -2.14
C SER A 17 -0.36 5.44 -1.09
N SEP A 18 -1.53 4.87 -1.36
CA SEP A 18 -2.14 3.90 -0.45
CB SEP A 18 -3.65 4.11 -0.40
OG SEP A 18 -4.24 3.89 -1.68
C SEP A 18 -1.82 2.48 -0.86
O SEP A 18 -2.36 1.52 -0.31
P SEP A 18 -5.76 4.43 -1.65
O1P SEP A 18 -6.47 4.05 -3.05
O2P SEP A 18 -6.60 3.60 -0.56
O3P SEP A 18 -5.78 5.94 -1.10
H SEP A 18 -1.99 5.08 -2.20
HA SEP A 18 -1.73 4.08 0.54
HB2 SEP A 18 -4.09 3.41 0.30
HB3 SEP A 18 -3.87 5.12 -0.08
N SER A 19 -0.95 2.34 -1.86
CA SER A 19 -0.55 1.03 -2.37
C SER A 19 0.05 0.18 -1.24
N SER A 20 -0.05 -1.14 -1.38
CA SER A 20 0.48 -2.06 -0.39
C SER A 20 0.85 -3.40 -1.02
N ILE A 21 0.32 -3.64 -2.22
CA ILE A 21 0.58 -4.88 -2.94
C ILE A 21 0.16 -6.09 -2.12
N SER A 22 -1.05 -6.59 -2.37
CA SER A 22 -1.58 -7.74 -1.65
C SER A 22 -2.65 -8.44 -2.47
N SER A 23 -2.99 -7.87 -3.63
CA SER A 23 -4.00 -8.43 -4.50
C SER A 23 -3.36 -9.23 -5.62
N SER A 24 -4.20 -9.80 -6.49
CA SER A 24 -3.71 -10.59 -7.63
C SER A 24 -4.52 -10.30 -8.88
N GLU A 25 -4.27 -11.08 -9.93
CA GLU A 25 -4.97 -10.90 -11.20
C GLU A 25 -6.22 -11.77 -11.26
N GLU A 26 -6.02 -13.07 -11.46
CA GLU A 26 -7.13 -14.01 -11.54
C GLU A 26 -6.89 -15.21 -10.61
N ASN A 27 -7.97 -15.80 -10.14
CA ASN A 27 -7.89 -16.94 -9.24
C ASN A 27 -8.79 -18.08 -9.71
N ASP A 28 -8.34 -19.31 -9.52
CA ASP A 28 -9.10 -20.48 -9.91
C ASP A 28 -8.81 -21.66 -8.99
N PHE A 29 -9.76 -21.99 -8.13
CA PHE A 29 -9.61 -23.09 -7.18
C PHE A 29 -8.42 -22.85 -6.26
N TRP A 30 -8.68 -22.18 -5.14
CA TRP A 30 -7.64 -21.88 -4.18
C TRP A 30 -8.20 -21.84 -2.76
N GLN A 31 -8.91 -20.76 -2.44
CA GLN A 31 -9.49 -20.59 -1.13
C GLN A 31 -10.90 -20.01 -1.22
N PRO A 32 -11.82 -20.70 -1.93
CA PRO A 32 -13.21 -20.23 -2.08
C PRO A 32 -13.96 -20.24 -0.76
N LYS A 33 -15.28 -20.08 -0.82
CA LYS A 33 -16.11 -20.06 0.37
C LYS A 33 -17.37 -20.91 0.18
N PRO A 34 -17.89 -21.51 1.27
CA PRO A 34 -19.10 -22.34 1.20
C PRO A 34 -20.36 -21.50 1.08
N THR A 35 -20.19 -20.20 0.87
CA THR A 35 -21.31 -19.27 0.73
C THR A 35 -22.33 -19.45 1.86
N GLU A 1 13.09 13.70 -6.87
CA GLU A 1 13.77 14.04 -5.60
C GLU A 1 13.46 15.48 -5.20
N LYS A 2 12.50 15.65 -4.30
CA LYS A 2 12.10 16.97 -3.84
C LYS A 2 11.18 16.88 -2.63
N LEU A 3 11.33 17.81 -1.68
CA LEU A 3 10.52 17.84 -0.47
C LEU A 3 10.78 16.61 0.40
N LYS A 4 10.91 16.84 1.70
CA LYS A 4 11.16 15.75 2.64
C LYS A 4 9.88 15.26 3.27
N GLN A 5 9.99 14.24 4.11
CA GLN A 5 8.83 13.67 4.78
C GLN A 5 8.49 14.45 6.05
N ASP A 6 9.53 14.78 6.82
CA ASP A 6 9.37 15.55 8.06
C ASP A 6 8.44 14.82 9.04
N ILE A 7 9.02 14.26 10.10
CA ILE A 7 8.26 13.55 11.10
C ILE A 7 7.62 14.53 12.09
N LEU A 8 7.46 15.77 11.66
CA LEU A 8 6.86 16.81 12.50
C LEU A 8 5.55 17.29 11.90
N ASN A 9 5.10 16.61 10.85
CA ASN A 9 3.85 16.96 10.19
C ASN A 9 3.35 15.83 9.30
N LEU A 10 4.26 15.18 8.59
CA LEU A 10 3.91 14.07 7.71
C LEU A 10 4.73 12.83 8.02
N ARG A 11 4.06 11.80 8.53
CA ARG A 11 4.71 10.54 8.87
C ARG A 11 5.18 9.82 7.61
N THR A 12 5.66 8.59 7.79
CA THR A 12 6.14 7.79 6.66
C THR A 12 4.98 7.29 5.81
N ASP A 13 4.53 8.14 4.89
CA ASP A 13 3.42 7.79 4.01
C ASP A 13 3.76 8.13 2.56
N ILE A 14 3.80 7.11 1.71
CA ILE A 14 4.12 7.31 0.30
C ILE A 14 2.84 7.48 -0.53
N SER A 15 1.77 6.83 -0.09
CA SER A 15 0.49 6.91 -0.79
C SER A 15 -0.64 6.46 0.13
N THR A 16 -1.88 6.60 -0.36
CA THR A 16 -3.05 6.21 0.42
C THR A 16 -3.14 4.69 0.54
N SER A 17 -2.33 3.99 -0.24
CA SER A 17 -2.31 2.53 -0.22
C SER A 17 -0.96 2.01 0.25
N SEP A 18 -0.98 1.09 1.22
CA SEP A 18 0.24 0.51 1.75
CB SEP A 18 0.27 0.65 3.28
OG SEP A 18 1.48 0.12 3.81
C SEP A 18 0.37 -0.95 1.35
O SEP A 18 -0.63 -1.69 1.31
P SEP A 18 1.60 0.53 5.35
O1P SEP A 18 0.43 -0.20 6.19
O2P SEP A 18 2.96 -0.08 5.96
O3P SEP A 18 1.81 2.13 5.46
H SEP A 18 -1.85 0.81 1.59
HA SEP A 18 1.08 1.06 1.33
HB2 SEP A 18 0.20 1.68 3.54
HB3 SEP A 18 -0.56 0.11 3.70
N SER A 19 1.60 -1.38 1.06
CA SER A 19 1.86 -2.76 0.67
C SER A 19 1.12 -3.12 -0.61
N SER A 20 0.59 -2.11 -1.29
CA SER A 20 -0.14 -2.31 -2.54
C SER A 20 -1.29 -3.31 -2.35
N ILE A 21 -2.45 -2.81 -1.96
CA ILE A 21 -3.62 -3.65 -1.75
C ILE A 21 -4.72 -3.31 -2.75
N SER A 22 -5.44 -4.34 -3.20
CA SER A 22 -6.52 -4.16 -4.15
C SER A 22 -6.01 -3.56 -5.45
N SER A 23 -4.69 -3.54 -5.62
CA SER A 23 -4.07 -2.99 -6.82
C SER A 23 -3.27 -4.06 -7.55
N SER A 24 -2.87 -5.10 -6.81
CA SER A 24 -2.09 -6.19 -7.38
C SER A 24 -2.72 -7.54 -7.06
N GLU A 25 -3.55 -7.56 -6.01
CA GLU A 25 -4.22 -8.78 -5.58
C GLU A 25 -3.21 -9.85 -5.18
N GLU A 26 -3.00 -10.00 -3.88
CA GLU A 26 -2.05 -10.99 -3.36
C GLU A 26 -2.75 -12.00 -2.46
N ASN A 27 -4.04 -11.77 -2.22
CA ASN A 27 -4.82 -12.67 -1.37
C ASN A 27 -5.49 -13.76 -2.21
N ASP A 28 -4.77 -14.29 -3.17
CA ASP A 28 -5.29 -15.34 -4.04
C ASP A 28 -4.17 -16.24 -4.54
N PHE A 29 -3.90 -17.32 -3.82
CA PHE A 29 -2.85 -18.25 -4.19
C PHE A 29 -3.43 -19.46 -4.91
N TRP A 30 -4.57 -19.93 -4.41
CA TRP A 30 -5.24 -21.08 -4.99
C TRP A 30 -6.69 -20.76 -5.34
N GLN A 31 -7.60 -21.05 -4.42
CA GLN A 31 -9.02 -20.79 -4.65
C GLN A 31 -9.69 -20.29 -3.36
N PRO A 32 -9.30 -19.09 -2.90
CA PRO A 32 -9.88 -18.49 -1.68
C PRO A 32 -11.35 -18.15 -1.83
N LYS A 33 -11.75 -17.81 -3.06
CA LYS A 33 -13.13 -17.45 -3.35
C LYS A 33 -13.90 -18.67 -3.85
N PRO A 34 -15.25 -18.67 -3.70
CA PRO A 34 -16.09 -19.78 -4.14
C PRO A 34 -15.97 -20.04 -5.63
N THR A 35 -15.31 -19.14 -6.34
CA THR A 35 -15.12 -19.27 -7.78
C THR A 35 -14.18 -18.19 -8.32
N GLU A 1 10.45 5.41 13.69
CA GLU A 1 9.33 4.85 14.48
C GLU A 1 8.27 5.90 14.78
N LYS A 2 8.70 7.15 14.90
CA LYS A 2 7.79 8.25 15.18
C LYS A 2 7.09 8.73 13.90
N LEU A 3 5.79 8.98 14.02
CA LEU A 3 4.99 9.44 12.89
C LEU A 3 4.87 8.37 11.80
N LYS A 4 3.67 8.20 11.28
CA LYS A 4 3.41 7.22 10.23
C LYS A 4 3.12 7.89 8.90
N GLN A 5 3.90 7.53 7.88
CA GLN A 5 3.72 8.11 6.55
C GLN A 5 2.63 7.38 5.77
N ASP A 6 1.77 8.14 5.10
CA ASP A 6 0.69 7.56 4.32
C ASP A 6 0.31 8.47 3.15
N ILE A 7 0.00 7.87 2.00
CA ILE A 7 -0.37 8.63 0.82
C ILE A 7 -1.87 8.94 0.83
N LEU A 8 -2.48 8.90 2.01
CA LEU A 8 -3.89 9.17 2.16
C LEU A 8 -4.09 10.45 2.98
N ASN A 9 -3.02 11.22 3.14
CA ASN A 9 -3.07 12.45 3.90
C ASN A 9 -1.81 13.28 3.66
N LEU A 10 -0.67 12.61 3.58
CA LEU A 10 0.61 13.27 3.35
C LEU A 10 1.45 12.51 2.33
N ARG A 11 1.39 12.95 1.07
CA ARG A 11 2.14 12.32 0.01
C ARG A 11 3.63 12.61 0.15
N THR A 12 4.36 11.71 0.79
CA THR A 12 5.79 11.86 0.99
C THR A 12 6.57 10.76 0.30
N ASP A 13 6.11 9.52 0.46
CA ASP A 13 6.77 8.38 -0.15
C ASP A 13 6.33 8.23 -1.61
N ILE A 14 7.19 8.69 -2.52
CA ILE A 14 6.90 8.61 -3.94
C ILE A 14 7.41 7.31 -4.55
N SER A 15 6.50 6.55 -5.13
CA SER A 15 6.85 5.27 -5.76
C SER A 15 7.21 5.47 -7.22
N THR A 16 8.37 4.97 -7.62
CA THR A 16 8.84 5.08 -8.99
C THR A 16 8.48 3.83 -9.80
N SER A 17 7.42 3.95 -10.60
CA SER A 17 6.95 2.84 -11.42
C SER A 17 6.64 1.61 -10.55
N SEP A 18 5.45 1.61 -9.97
CA SEP A 18 5.02 0.50 -9.12
CB SEP A 18 5.58 0.67 -7.71
OG SEP A 18 7.00 0.75 -7.72
C SEP A 18 3.50 0.41 -9.07
O SEP A 18 2.83 1.37 -8.68
P SEP A 18 7.61 -0.67 -7.27
O1P SEP A 18 7.35 -1.75 -8.43
O2P SEP A 18 9.21 -0.55 -7.21
O3P SEP A 18 7.18 -0.96 -5.75
H SEP A 18 4.84 2.36 -10.12
HA SEP A 18 5.41 -0.41 -9.54
HB2 SEP A 18 5.18 1.58 -7.28
HB3 SEP A 18 5.29 -0.18 -7.10
N SER A 19 2.96 -0.73 -9.46
CA SER A 19 1.52 -0.94 -9.46
C SER A 19 1.15 -2.17 -8.63
N SER A 20 0.02 -2.07 -7.92
CA SER A 20 -0.45 -3.17 -7.09
C SER A 20 -0.85 -4.36 -7.94
N ILE A 21 -0.13 -5.47 -7.77
CA ILE A 21 -0.40 -6.68 -8.53
C ILE A 21 -0.92 -7.78 -7.62
N SER A 22 -1.83 -8.60 -8.15
CA SER A 22 -2.41 -9.71 -7.39
C SER A 22 -3.18 -9.19 -6.18
N SER A 23 -4.51 -9.17 -6.29
CA SER A 23 -5.37 -8.70 -5.20
C SER A 23 -6.64 -9.53 -5.12
N SER A 24 -6.99 -9.95 -3.91
CA SER A 24 -8.20 -10.75 -3.68
C SER A 24 -9.37 -9.86 -3.30
N GLU A 25 -10.44 -10.49 -2.82
CA GLU A 25 -11.63 -9.75 -2.41
C GLU A 25 -11.96 -10.01 -0.94
N GLU A 26 -11.76 -11.23 -0.50
CA GLU A 26 -12.04 -11.61 0.89
C GLU A 26 -10.97 -11.06 1.83
N ASN A 27 -9.87 -10.58 1.25
CA ASN A 27 -8.78 -10.03 2.03
C ASN A 27 -8.13 -8.86 1.30
N ASP A 28 -8.34 -7.65 1.82
CA ASP A 28 -7.77 -6.45 1.22
C ASP A 28 -7.85 -5.27 2.18
N PHE A 29 -6.69 -4.68 2.48
CA PHE A 29 -6.62 -3.53 3.38
C PHE A 29 -5.21 -2.94 3.38
N TRP A 30 -4.22 -3.80 3.21
CA TRP A 30 -2.83 -3.37 3.18
C TRP A 30 -2.09 -4.00 2.01
N GLN A 31 -1.49 -5.17 2.25
CA GLN A 31 -0.76 -5.88 1.21
C GLN A 31 -0.95 -7.39 1.36
N PRO A 32 -2.20 -7.89 1.17
CA PRO A 32 -2.50 -9.31 1.31
C PRO A 32 -1.78 -10.16 0.26
N LYS A 33 -1.40 -11.37 0.66
CA LYS A 33 -0.71 -12.28 -0.25
C LYS A 33 -1.70 -13.12 -1.04
N PRO A 34 -1.31 -13.56 -2.26
CA PRO A 34 -2.18 -14.38 -3.10
C PRO A 34 -2.29 -15.83 -2.62
N THR A 35 -1.83 -16.06 -1.39
CA THR A 35 -1.85 -17.40 -0.77
C THR A 35 -1.59 -18.49 -1.80
N GLU A 1 3.76 21.12 -2.48
CA GLU A 1 4.93 21.55 -1.66
C GLU A 1 6.06 20.53 -1.73
N LYS A 2 7.21 20.89 -1.20
CA LYS A 2 8.37 20.01 -1.19
C LYS A 2 8.92 19.83 0.22
N LEU A 3 8.31 20.51 1.17
CA LEU A 3 8.74 20.43 2.57
C LEU A 3 7.89 19.44 3.35
N LYS A 4 7.41 18.42 2.66
CA LYS A 4 6.58 17.39 3.28
C LYS A 4 7.43 16.43 4.10
N GLN A 5 8.50 15.94 3.49
CA GLN A 5 9.41 15.02 4.16
C GLN A 5 10.86 15.29 3.76
N ASP A 6 11.73 14.32 4.03
CA ASP A 6 13.15 14.45 3.69
C ASP A 6 13.79 15.61 4.44
N ILE A 7 13.05 16.19 5.39
CA ILE A 7 13.56 17.31 6.18
C ILE A 7 14.66 16.84 7.12
N LEU A 8 14.37 15.79 7.87
CA LEU A 8 15.32 15.22 8.81
C LEU A 8 15.35 13.71 8.69
N ASN A 9 15.01 13.22 7.49
CA ASN A 9 14.98 11.79 7.22
C ASN A 9 13.94 11.10 8.12
N LEU A 10 12.99 11.89 8.62
CA LEU A 10 11.95 11.37 9.48
C LEU A 10 10.58 11.55 8.84
N ARG A 11 10.02 10.44 8.35
CA ARG A 11 8.71 10.47 7.70
C ARG A 11 7.65 11.02 8.66
N THR A 12 7.05 12.15 8.28
CA THR A 12 6.03 12.79 9.10
C THR A 12 4.63 12.43 8.62
N ASP A 13 4.42 12.50 7.31
CA ASP A 13 3.12 12.19 6.73
C ASP A 13 2.87 10.68 6.70
N ILE A 14 2.02 10.22 7.60
CA ILE A 14 1.69 8.79 7.68
C ILE A 14 0.19 8.59 7.82
N SER A 15 -0.46 8.25 6.70
CA SER A 15 -1.90 8.02 6.69
C SER A 15 -2.22 6.59 6.30
N THR A 16 -1.18 5.76 6.19
CA THR A 16 -1.32 4.37 5.81
C THR A 16 -2.21 4.20 4.58
N SER A 17 -1.59 4.26 3.40
CA SER A 17 -2.32 4.11 2.15
C SER A 17 -1.67 3.07 1.25
N SEP A 18 -2.47 2.16 0.72
CA SEP A 18 -1.98 1.10 -0.15
CB SEP A 18 -2.76 -0.18 0.07
OG SEP A 18 -2.59 -0.67 1.39
C SEP A 18 -2.06 1.51 -1.62
O SEP A 18 -2.58 2.59 -1.93
P SEP A 18 -1.44 -1.80 1.41
O1P SEP A 18 -1.78 -2.90 0.27
O2P SEP A 18 -0.06 -1.14 0.91
O3P SEP A 18 -1.16 -2.24 2.92
H SEP A 18 -3.43 2.19 0.92
HA SEP A 18 -0.94 0.93 0.10
HB2 SEP A 18 -3.81 0.00 -0.10
HB3 SEP A 18 -2.42 -0.94 -0.62
N SER A 19 -1.54 0.67 -2.50
CA SER A 19 -1.56 0.94 -3.93
C SER A 19 -1.24 -0.32 -4.73
N SER A 20 -1.05 -1.42 -4.02
CA SER A 20 -0.73 -2.70 -4.67
C SER A 20 -2.00 -3.37 -5.21
N ILE A 21 -1.80 -4.39 -6.03
CA ILE A 21 -2.92 -5.12 -6.61
C ILE A 21 -2.59 -6.59 -6.78
N SER A 22 -3.57 -7.45 -6.50
CA SER A 22 -3.38 -8.89 -6.61
C SER A 22 -2.22 -9.36 -5.73
N SER A 23 -1.78 -10.60 -5.95
CA SER A 23 -0.67 -11.16 -5.19
C SER A 23 0.13 -12.15 -6.03
N SER A 24 -0.28 -12.31 -7.29
CA SER A 24 0.40 -13.21 -8.21
C SER A 24 0.40 -14.64 -7.66
N GLU A 25 1.15 -15.52 -8.33
CA GLU A 25 1.24 -16.93 -7.93
C GLU A 25 -0.12 -17.60 -7.97
N GLU A 26 -0.90 -17.43 -6.90
CA GLU A 26 -2.23 -18.03 -6.82
C GLU A 26 -3.30 -17.02 -7.21
N ASN A 27 -4.32 -17.49 -7.93
CA ASN A 27 -5.41 -16.63 -8.39
C ASN A 27 -6.45 -16.45 -7.29
N ASP A 28 -6.84 -15.20 -7.03
CA ASP A 28 -7.82 -14.89 -6.01
C ASP A 28 -8.24 -13.43 -6.07
N PHE A 29 -9.50 -13.18 -6.39
CA PHE A 29 -10.00 -11.81 -6.48
C PHE A 29 -11.50 -11.76 -6.19
N TRP A 30 -12.21 -12.79 -6.62
CA TRP A 30 -13.65 -12.86 -6.40
C TRP A 30 -14.00 -13.80 -5.24
N GLN A 31 -14.33 -15.04 -5.57
CA GLN A 31 -14.69 -16.03 -4.55
C GLN A 31 -14.27 -17.43 -4.99
N PRO A 32 -12.95 -17.67 -5.17
CA PRO A 32 -12.44 -18.99 -5.58
C PRO A 32 -12.73 -20.05 -4.54
N LYS A 33 -12.83 -19.63 -3.29
CA LYS A 33 -13.12 -20.54 -2.19
C LYS A 33 -14.56 -20.36 -1.70
N PRO A 34 -15.12 -21.39 -1.02
CA PRO A 34 -16.49 -21.31 -0.51
C PRO A 34 -16.67 -20.18 0.49
N THR A 35 -15.55 -19.59 0.90
CA THR A 35 -15.57 -18.49 1.85
C THR A 35 -14.28 -17.68 1.77
N GLU A 1 -3.43 21.76 -0.85
CA GLU A 1 -2.44 20.66 -0.85
C GLU A 1 -1.44 20.81 0.29
N LYS A 2 -0.83 19.70 0.68
CA LYS A 2 0.14 19.71 1.76
C LYS A 2 1.24 18.68 1.50
N LEU A 3 2.22 18.63 2.39
CA LEU A 3 3.32 17.68 2.26
C LEU A 3 3.94 17.34 3.61
N LYS A 4 4.34 16.08 3.77
CA LYS A 4 4.94 15.61 5.01
C LYS A 4 6.44 15.36 4.83
N GLN A 5 6.86 15.21 3.58
CA GLN A 5 8.26 14.97 3.27
C GLN A 5 9.05 16.27 3.23
N ASP A 6 9.50 16.73 4.39
CA ASP A 6 10.28 17.96 4.50
C ASP A 6 10.75 18.18 5.93
N ILE A 7 9.89 17.83 6.87
CA ILE A 7 10.19 17.98 8.28
C ILE A 7 10.41 16.61 8.93
N LEU A 8 10.33 15.57 8.11
CA LEU A 8 10.51 14.21 8.59
C LEU A 8 11.26 13.37 7.56
N ASN A 9 11.31 13.89 6.34
CA ASN A 9 12.00 13.21 5.24
C ASN A 9 13.50 13.20 5.49
N LEU A 10 13.96 14.13 6.31
CA LEU A 10 15.38 14.22 6.64
C LEU A 10 15.67 13.54 7.97
N ARG A 11 14.70 12.77 8.46
CA ARG A 11 14.84 12.06 9.71
C ARG A 11 14.49 10.59 9.55
N THR A 12 13.79 10.27 8.47
CA THR A 12 13.38 8.89 8.20
C THR A 12 13.49 8.55 6.71
N ASP A 13 12.66 9.20 5.89
CA ASP A 13 12.66 8.97 4.46
C ASP A 13 12.38 7.50 4.15
N ILE A 14 11.11 7.17 3.92
CA ILE A 14 10.71 5.81 3.61
C ILE A 14 10.20 5.69 2.18
N SER A 15 9.50 6.73 1.72
CA SER A 15 8.95 6.76 0.37
C SER A 15 8.01 5.57 0.14
N THR A 16 6.71 5.84 0.21
CA THR A 16 5.71 4.81 0.00
C THR A 16 5.84 4.17 -1.38
N SER A 17 6.05 5.01 -2.40
CA SER A 17 6.20 4.53 -3.77
C SER A 17 5.00 3.68 -4.19
N SEP A 18 4.03 4.32 -4.83
CA SEP A 18 2.83 3.62 -5.29
CB SEP A 18 1.85 4.61 -5.93
OG SEP A 18 2.46 5.29 -7.02
C SEP A 18 3.18 2.53 -6.28
O SEP A 18 4.16 2.64 -7.03
P SEP A 18 1.64 6.64 -7.32
O1P SEP A 18 1.80 7.65 -6.07
O2P SEP A 18 2.33 7.42 -8.54
O3P SEP A 18 0.18 6.26 -7.88
H SEP A 18 4.12 5.27 -5.00
HA SEP A 18 2.36 3.18 -4.43
HB2 SEP A 18 0.99 4.08 -6.29
HB3 SEP A 18 1.54 5.34 -5.20
N SER A 19 2.38 1.47 -6.30
CA SER A 19 2.61 0.34 -7.20
C SER A 19 1.29 -0.27 -7.67
N SER A 20 0.21 0.07 -6.96
CA SER A 20 -1.12 -0.42 -7.29
C SER A 20 -1.15 -1.96 -7.31
N ILE A 21 -0.35 -2.58 -6.45
CA ILE A 21 -0.29 -4.03 -6.38
C ILE A 21 -1.44 -4.58 -5.52
N SER A 22 -2.12 -5.59 -6.06
CA SER A 22 -3.25 -6.21 -5.35
C SER A 22 -4.34 -5.20 -5.04
N SER A 23 -5.43 -5.26 -5.80
CA SER A 23 -6.55 -4.34 -5.60
C SER A 23 -7.84 -5.11 -5.36
N SER A 24 -7.76 -6.44 -5.43
CA SER A 24 -8.93 -7.29 -5.21
C SER A 24 -9.17 -7.52 -3.72
N GLU A 25 -10.35 -7.14 -3.25
CA GLU A 25 -10.71 -7.30 -1.84
C GLU A 25 -11.26 -8.70 -1.58
N GLU A 26 -12.15 -9.16 -2.46
CA GLU A 26 -12.74 -10.49 -2.31
C GLU A 26 -11.71 -11.59 -2.51
N ASN A 27 -11.73 -12.58 -1.63
CA ASN A 27 -10.80 -13.71 -1.71
C ASN A 27 -9.35 -13.22 -1.58
N ASP A 28 -8.79 -13.37 -0.38
CA ASP A 28 -7.41 -12.96 -0.12
C ASP A 28 -6.76 -13.88 0.90
N PHE A 29 -7.29 -15.09 1.04
CA PHE A 29 -6.75 -16.06 1.98
C PHE A 29 -7.26 -17.46 1.67
N TRP A 30 -8.47 -17.55 1.14
CA TRP A 30 -9.08 -18.83 0.79
C TRP A 30 -9.90 -18.69 -0.48
N GLN A 31 -9.75 -19.67 -1.34
CA GLN A 31 -10.48 -19.70 -2.60
C GLN A 31 -11.36 -20.95 -2.70
N PRO A 32 -12.54 -20.94 -2.07
CA PRO A 32 -13.46 -22.08 -2.10
C PRO A 32 -14.14 -22.25 -3.46
N LYS A 33 -13.84 -23.36 -4.13
CA LYS A 33 -14.42 -23.65 -5.44
C LYS A 33 -15.52 -24.70 -5.32
N PRO A 34 -16.47 -24.72 -6.28
CA PRO A 34 -17.57 -25.69 -6.27
C PRO A 34 -17.08 -27.13 -6.26
N THR A 35 -17.30 -27.80 -5.14
CA THR A 35 -16.88 -29.20 -4.99
C THR A 35 -17.60 -30.10 -5.98
N GLU A 1 8.63 4.37 14.34
CA GLU A 1 8.58 5.86 14.30
C GLU A 1 9.36 6.40 13.10
N LYS A 2 8.70 7.19 12.27
CA LYS A 2 9.33 7.75 11.08
C LYS A 2 8.88 9.19 10.86
N LEU A 3 9.39 9.80 9.79
CA LEU A 3 9.04 11.17 9.45
C LEU A 3 8.26 11.23 8.13
N LYS A 4 7.23 12.04 8.11
CA LYS A 4 6.40 12.20 6.92
C LYS A 4 6.48 13.62 6.40
N GLN A 5 6.08 14.58 7.23
CA GLN A 5 6.11 15.99 6.87
C GLN A 5 7.27 16.70 7.56
N ASP A 6 8.10 17.38 6.76
CA ASP A 6 9.25 18.10 7.29
C ASP A 6 9.79 19.11 6.26
N ILE A 7 10.90 19.74 6.59
CA ILE A 7 11.51 20.73 5.70
C ILE A 7 12.30 20.03 4.60
N LEU A 8 12.53 18.73 4.75
CA LEU A 8 13.28 17.95 3.78
C LEU A 8 12.36 17.43 2.69
N ASN A 9 11.10 17.25 3.05
CA ASN A 9 10.10 16.76 2.12
C ASN A 9 9.19 17.90 1.68
N LEU A 10 9.21 18.98 2.46
CA LEU A 10 8.40 20.15 2.17
C LEU A 10 6.91 19.80 2.07
N ARG A 11 6.21 19.91 3.19
CA ARG A 11 4.79 19.61 3.25
C ARG A 11 4.47 18.27 2.57
N THR A 12 5.37 17.30 2.74
CA THR A 12 5.19 15.97 2.16
C THR A 12 5.24 16.02 0.63
N ASP A 13 6.18 15.27 0.06
CA ASP A 13 6.34 15.23 -1.40
C ASP A 13 5.33 14.27 -2.02
N ILE A 14 4.37 14.83 -2.73
CA ILE A 14 3.34 14.03 -3.39
C ILE A 14 3.95 13.00 -4.33
N SER A 15 3.79 11.73 -3.98
CA SER A 15 4.32 10.65 -4.79
C SER A 15 3.32 10.23 -5.86
N THR A 16 3.82 9.64 -6.95
CA THR A 16 2.96 9.19 -8.04
C THR A 16 2.92 7.67 -8.12
N SER A 17 3.95 7.02 -7.56
CA SER A 17 4.03 5.56 -7.56
C SER A 17 4.08 5.02 -8.99
N SEP A 18 4.26 3.72 -9.11
CA SEP A 18 4.34 3.06 -10.41
CB SEP A 18 5.80 2.88 -10.84
OG SEP A 18 6.49 2.03 -9.94
C SEP A 18 3.63 1.71 -10.39
O SEP A 18 3.74 0.96 -9.41
P SEP A 18 8.00 1.87 -10.44
O1P SEP A 18 8.78 3.27 -10.24
O2P SEP A 18 8.77 0.85 -9.46
O3P SEP A 18 8.01 1.11 -11.87
H SEP A 18 4.35 3.16 -8.30
HA SEP A 18 3.84 3.69 -11.13
HB2 SEP A 18 5.83 2.46 -11.83
HB3 SEP A 18 6.28 3.85 -10.84
N SER A 19 2.91 1.39 -11.46
CA SER A 19 2.20 0.13 -11.56
C SER A 19 3.17 -1.04 -11.62
N SER A 20 2.89 -2.08 -10.83
CA SER A 20 3.74 -3.26 -10.79
C SER A 20 2.92 -4.51 -10.49
N ILE A 21 1.61 -4.33 -10.30
CA ILE A 21 0.71 -5.44 -10.01
C ILE A 21 1.06 -6.10 -8.68
N SER A 22 0.23 -5.85 -7.66
CA SER A 22 0.46 -6.42 -6.34
C SER A 22 0.32 -7.94 -6.37
N SER A 23 0.95 -8.61 -5.40
CA SER A 23 0.91 -10.06 -5.33
C SER A 23 -0.30 -10.53 -4.51
N SER A 24 -0.39 -10.06 -3.28
CA SER A 24 -1.50 -10.43 -2.40
C SER A 24 -2.71 -9.53 -2.63
N GLU A 25 -3.87 -10.15 -2.82
CA GLU A 25 -5.10 -9.40 -3.06
C GLU A 25 -6.32 -10.30 -2.89
N GLU A 26 -6.15 -11.58 -3.19
CA GLU A 26 -7.25 -12.54 -3.07
C GLU A 26 -7.51 -12.88 -1.60
N ASN A 27 -8.72 -12.58 -1.14
CA ASN A 27 -9.10 -12.86 0.24
C ASN A 27 -9.99 -14.10 0.32
N ASP A 28 -10.18 -14.75 -0.83
CA ASP A 28 -11.01 -15.95 -0.90
C ASP A 28 -10.26 -17.08 -1.59
N PHE A 29 -9.82 -18.06 -0.79
CA PHE A 29 -9.09 -19.20 -1.31
C PHE A 29 -9.04 -20.34 -0.30
N TRP A 30 -8.97 -19.97 0.97
CA TRP A 30 -8.92 -20.95 2.05
C TRP A 30 -10.18 -21.80 2.09
N GLN A 31 -11.17 -21.36 2.88
CA GLN A 31 -12.42 -22.09 3.00
C GLN A 31 -13.59 -21.14 3.25
N PRO A 32 -13.76 -20.11 2.41
CA PRO A 32 -14.83 -19.13 2.56
C PRO A 32 -16.15 -19.63 1.99
N LYS A 33 -16.14 -20.86 1.49
CA LYS A 33 -17.34 -21.46 0.92
C LYS A 33 -18.01 -22.40 1.92
N PRO A 34 -19.33 -22.64 1.78
CA PRO A 34 -20.08 -23.51 2.69
C PRO A 34 -19.42 -24.87 2.86
N THR A 35 -18.98 -25.17 4.08
CA THR A 35 -18.32 -26.43 4.37
C THR A 35 -19.26 -27.61 4.14
N GLU A 1 -0.73 13.81 14.52
CA GLU A 1 -1.94 13.92 13.66
C GLU A 1 -1.66 13.39 12.26
N LYS A 2 -0.55 13.85 11.69
CA LYS A 2 -0.15 13.42 10.34
C LYS A 2 1.35 13.23 10.25
N LEU A 3 1.81 12.01 10.48
CA LEU A 3 3.23 11.69 10.42
C LEU A 3 3.59 11.00 9.11
N LYS A 4 2.83 11.31 8.08
CA LYS A 4 3.07 10.73 6.76
C LYS A 4 4.11 11.52 5.99
N GLN A 5 5.04 10.81 5.35
CA GLN A 5 6.11 11.44 4.59
C GLN A 5 6.94 12.37 5.47
N ASP A 6 7.99 12.93 4.90
CA ASP A 6 8.87 13.84 5.64
C ASP A 6 9.85 14.53 4.68
N ILE A 7 10.93 15.07 5.24
CA ILE A 7 11.93 15.75 4.45
C ILE A 7 13.29 15.07 4.59
N LEU A 8 13.45 14.30 5.67
CA LEU A 8 14.71 13.61 5.93
C LEU A 8 14.49 12.11 6.06
N ASN A 9 13.23 11.69 6.14
CA ASN A 9 12.90 10.28 6.26
C ASN A 9 11.72 9.91 5.38
N LEU A 10 11.42 10.78 4.41
CA LEU A 10 10.32 10.55 3.49
C LEU A 10 10.40 9.17 2.84
N ARG A 11 9.72 8.21 3.45
CA ARG A 11 9.72 6.83 2.94
C ARG A 11 9.00 6.76 1.60
N THR A 12 8.29 7.83 1.24
CA THR A 12 7.56 7.89 -0.02
C THR A 12 6.49 6.79 -0.09
N ASP A 13 5.24 7.18 0.08
CA ASP A 13 4.13 6.23 0.06
C ASP A 13 2.94 6.79 -0.74
N ILE A 14 2.42 5.99 -1.66
CA ILE A 14 1.29 6.40 -2.48
C ILE A 14 0.48 5.18 -2.93
N SER A 15 -0.85 5.31 -2.90
CA SER A 15 -1.74 4.22 -3.29
C SER A 15 -2.14 4.34 -4.75
N THR A 16 -1.33 5.03 -5.54
CA THR A 16 -1.60 5.22 -6.96
C THR A 16 -0.70 4.34 -7.82
N SER A 17 -1.27 3.28 -8.38
CA SER A 17 -0.52 2.36 -9.22
C SER A 17 -1.43 1.72 -10.28
N SEP A 18 -0.85 0.85 -11.11
CA SEP A 18 -1.62 0.17 -12.15
CB SEP A 18 -1.78 1.09 -13.36
OG SEP A 18 -2.61 0.48 -14.34
C SEP A 18 -0.92 -1.12 -12.57
O SEP A 18 -1.48 -2.21 -12.43
P SEP A 18 -2.99 1.59 -15.46
O1P SEP A 18 -4.16 1.00 -16.40
O2P SEP A 18 -3.66 2.86 -14.73
O3P SEP A 18 -1.63 2.17 -16.10
H SEP A 18 0.10 0.66 -11.01
HA SEP A 18 -2.58 -0.07 -11.74
HB2 SEP A 18 -2.24 2.01 -13.04
HB3 SEP A 18 -0.82 1.29 -13.79
N SER A 19 0.31 -0.99 -13.08
CA SER A 19 1.08 -2.14 -13.52
C SER A 19 1.54 -2.97 -12.33
N SER A 20 2.23 -2.33 -11.40
CA SER A 20 2.73 -3.01 -10.21
C SER A 20 2.02 -2.51 -8.96
N ILE A 21 1.50 -3.45 -8.16
CA ILE A 21 0.80 -3.09 -6.94
C ILE A 21 1.37 -3.84 -5.74
N SER A 22 1.39 -3.18 -4.59
CA SER A 22 1.91 -3.77 -3.36
C SER A 22 1.05 -4.95 -2.92
N SER A 23 1.71 -5.96 -2.35
CA SER A 23 1.01 -7.15 -1.89
C SER A 23 1.55 -7.62 -0.54
N SER A 24 0.67 -7.75 0.44
CA SER A 24 1.06 -8.20 1.78
C SER A 24 0.68 -9.65 2.00
N GLU A 25 -0.51 -10.03 1.52
CA GLU A 25 -1.00 -11.39 1.68
C GLU A 25 -1.59 -11.91 0.36
N GLU A 26 -2.07 -13.15 0.38
CA GLU A 26 -2.66 -13.76 -0.79
C GLU A 26 -4.11 -13.32 -0.97
N ASN A 27 -4.39 -12.63 -2.08
CA ASN A 27 -5.74 -12.17 -2.36
C ASN A 27 -6.06 -12.30 -3.84
N ASP A 28 -5.28 -13.12 -4.54
CA ASP A 28 -5.49 -13.34 -5.97
C ASP A 28 -6.07 -14.71 -6.23
N PHE A 29 -6.79 -15.26 -5.25
CA PHE A 29 -7.40 -16.58 -5.39
C PHE A 29 -8.43 -16.83 -4.30
N TRP A 30 -8.19 -16.24 -3.12
CA TRP A 30 -9.09 -16.40 -1.99
C TRP A 30 -9.53 -15.03 -1.49
N GLN A 31 -10.83 -14.92 -1.30
CA GLN A 31 -11.42 -13.68 -0.80
C GLN A 31 -12.19 -13.92 0.49
N PRO A 32 -11.47 -14.13 1.60
CA PRO A 32 -12.07 -14.37 2.91
C PRO A 32 -12.33 -13.07 3.67
N LYS A 33 -11.67 -12.00 3.25
CA LYS A 33 -11.83 -10.70 3.89
C LYS A 33 -12.84 -9.83 3.14
N PRO A 34 -13.43 -8.82 3.81
CA PRO A 34 -14.41 -7.93 3.19
C PRO A 34 -13.89 -7.30 1.89
N THR A 35 -14.38 -7.79 0.77
CA THR A 35 -13.96 -7.30 -0.54
C THR A 35 -14.56 -5.92 -0.82
N GLU A 1 7.22 5.14 8.04
CA GLU A 1 7.14 4.90 6.57
C GLU A 1 5.82 5.42 6.00
N LYS A 2 4.77 5.37 6.81
CA LYS A 2 3.45 5.84 6.39
C LYS A 2 3.16 7.22 6.96
N LEU A 3 4.21 7.91 7.41
CA LEU A 3 4.04 9.23 7.98
C LEU A 3 5.27 10.09 7.69
N LYS A 4 6.00 9.70 6.67
CA LYS A 4 7.20 10.42 6.26
C LYS A 4 6.88 11.41 5.14
N GLN A 5 5.59 11.54 4.85
CA GLN A 5 5.14 12.47 3.80
C GLN A 5 4.35 13.63 4.41
N ASP A 6 4.53 13.85 5.71
CA ASP A 6 3.85 14.93 6.41
C ASP A 6 4.43 16.28 6.00
N ILE A 7 4.21 17.29 6.84
CA ILE A 7 4.70 18.64 6.56
C ILE A 7 5.41 19.23 7.77
N LEU A 8 5.64 18.39 8.78
CA LEU A 8 6.30 18.84 10.01
C LEU A 8 7.66 18.15 10.17
N ASN A 9 7.89 17.12 9.36
CA ASN A 9 9.14 16.38 9.40
C ASN A 9 9.90 16.52 8.10
N LEU A 10 9.18 16.74 7.00
CA LEU A 10 9.79 16.89 5.70
C LEU A 10 8.78 17.44 4.69
N ARG A 11 9.19 18.45 3.93
CA ARG A 11 8.32 19.07 2.94
C ARG A 11 7.91 18.06 1.87
N THR A 12 7.04 18.51 0.96
CA THR A 12 6.56 17.65 -0.12
C THR A 12 7.44 17.77 -1.36
N ASP A 13 8.45 16.93 -1.43
CA ASP A 13 9.37 16.94 -2.57
C ASP A 13 9.02 15.83 -3.56
N ILE A 14 7.83 15.27 -3.41
CA ILE A 14 7.36 14.21 -4.29
C ILE A 14 8.27 12.98 -4.22
N SER A 15 7.81 11.94 -3.53
CA SER A 15 8.58 10.72 -3.39
C SER A 15 8.65 9.96 -4.71
N THR A 16 9.73 9.20 -4.89
CA THR A 16 9.92 8.43 -6.11
C THR A 16 9.48 6.98 -5.93
N SER A 17 8.96 6.67 -4.75
CA SER A 17 8.49 5.33 -4.44
C SER A 17 7.00 5.18 -4.74
N SEP A 18 6.68 4.28 -5.67
CA SEP A 18 5.29 4.04 -6.05
CB SEP A 18 4.88 5.00 -7.16
OG SEP A 18 5.72 4.87 -8.30
C SEP A 18 5.09 2.60 -6.50
O SEP A 18 6.00 1.96 -7.02
P SEP A 18 4.87 5.18 -9.63
O1P SEP A 18 4.41 6.73 -9.60
O2P SEP A 18 5.84 5.08 -10.91
O3P SEP A 18 3.80 4.00 -9.86
H SEP A 18 7.39 3.76 -6.09
HA SEP A 18 4.67 4.22 -5.18
HB2 SEP A 18 3.86 4.80 -7.46
HB3 SEP A 18 4.94 6.02 -6.81
N SER A 19 3.88 2.10 -6.31
CA SER A 19 3.55 0.73 -6.69
C SER A 19 2.04 0.57 -6.90
N SER A 20 1.61 -0.64 -7.20
CA SER A 20 0.19 -0.92 -7.43
C SER A 20 -0.10 -2.41 -7.30
N ILE A 21 -0.74 -2.79 -6.21
CA ILE A 21 -1.08 -4.19 -5.97
C ILE A 21 -2.41 -4.54 -6.64
N SER A 22 -2.45 -5.73 -7.24
CA SER A 22 -3.66 -6.19 -7.93
C SER A 22 -4.82 -6.35 -6.95
N SER A 23 -4.66 -7.25 -5.99
CA SER A 23 -5.71 -7.49 -5.00
C SER A 23 -5.34 -6.87 -3.65
N SER A 24 -6.33 -6.71 -2.79
CA SER A 24 -6.11 -6.12 -1.47
C SER A 24 -6.61 -7.05 -0.37
N GLU A 25 -7.18 -8.20 -0.77
CA GLU A 25 -7.71 -9.17 0.18
C GLU A 25 -7.35 -10.59 -0.24
N GLU A 26 -7.64 -11.55 0.63
CA GLU A 26 -7.35 -12.95 0.34
C GLU A 26 -8.59 -13.81 0.55
N ASN A 27 -8.72 -14.86 -0.26
CA ASN A 27 -9.85 -15.77 -0.17
C ASN A 27 -9.79 -16.61 1.11
N ASP A 28 -10.88 -16.61 1.86
CA ASP A 28 -10.95 -17.36 3.11
C ASP A 28 -12.40 -17.58 3.53
N PHE A 29 -12.78 -18.86 3.65
CA PHE A 29 -14.15 -19.21 4.05
C PHE A 29 -15.15 -18.81 2.98
N TRP A 30 -14.64 -18.32 1.85
CA TRP A 30 -15.47 -17.89 0.74
C TRP A 30 -14.99 -18.49 -0.56
N GLN A 31 -15.46 -19.68 -0.85
CA GLN A 31 -15.08 -20.40 -2.05
C GLN A 31 -13.56 -20.50 -2.17
N PRO A 32 -12.89 -21.06 -1.14
CA PRO A 32 -11.43 -21.20 -1.14
C PRO A 32 -10.94 -22.30 -2.08
N LYS A 33 -10.29 -21.89 -3.16
CA LYS A 33 -9.76 -22.84 -4.14
C LYS A 33 -8.25 -22.64 -4.31
N PRO A 34 -7.51 -23.72 -4.62
CA PRO A 34 -6.07 -23.66 -4.82
C PRO A 34 -5.67 -22.65 -5.90
N THR A 35 -4.94 -21.63 -5.50
CA THR A 35 -4.49 -20.60 -6.43
C THR A 35 -3.66 -21.19 -7.57
N GLU A 1 3.28 27.78 6.14
CA GLU A 1 4.46 27.46 5.28
C GLU A 1 4.53 25.96 5.01
N LYS A 2 3.95 25.16 5.91
CA LYS A 2 3.95 23.71 5.76
C LYS A 2 5.37 23.16 5.66
N LEU A 3 5.47 21.88 5.30
CA LEU A 3 6.77 21.23 5.16
C LEU A 3 6.64 19.96 4.32
N LYS A 4 7.54 19.80 3.36
CA LYS A 4 7.52 18.63 2.49
C LYS A 4 8.39 17.52 3.05
N GLN A 5 8.39 16.37 2.36
CA GLN A 5 9.18 15.21 2.79
C GLN A 5 10.67 15.42 2.52
N ASP A 6 11.48 14.59 3.17
CA ASP A 6 12.92 14.65 3.01
C ASP A 6 13.53 13.26 3.10
N ILE A 7 14.87 13.19 3.12
CA ILE A 7 15.56 11.91 3.19
C ILE A 7 15.89 11.56 4.65
N LEU A 8 15.15 12.13 5.58
CA LEU A 8 15.38 11.88 6.99
C LEU A 8 14.05 11.68 7.74
N ASN A 9 12.95 11.91 7.04
CA ASN A 9 11.63 11.76 7.64
C ASN A 9 10.66 11.08 6.69
N LEU A 10 11.21 10.40 5.68
CA LEU A 10 10.39 9.70 4.70
C LEU A 10 9.88 8.37 5.24
N ARG A 11 10.05 8.17 6.55
CA ARG A 11 9.61 6.94 7.20
C ARG A 11 8.13 7.00 7.54
N THR A 12 7.55 8.20 7.46
CA THR A 12 6.14 8.38 7.77
C THR A 12 5.37 8.89 6.55
N ASP A 13 6.02 9.75 5.77
CA ASP A 13 5.40 10.31 4.58
C ASP A 13 6.20 9.96 3.33
N ILE A 14 5.57 9.22 2.42
CA ILE A 14 6.22 8.82 1.17
C ILE A 14 5.20 8.47 0.11
N SER A 15 5.34 9.10 -1.06
CA SER A 15 4.41 8.85 -2.17
C SER A 15 5.06 9.23 -3.50
N THR A 16 4.69 8.52 -4.56
CA THR A 16 5.24 8.79 -5.89
C THR A 16 4.23 8.50 -6.98
N SER A 17 3.35 9.48 -7.27
CA SER A 17 2.33 9.33 -8.29
C SER A 17 1.47 8.08 -8.05
N SEP A 18 1.51 7.57 -6.83
CA SEP A 18 0.74 6.38 -6.47
CB SEP A 18 -0.76 6.65 -6.58
OG SEP A 18 -1.51 5.51 -6.22
C SEP A 18 1.13 5.20 -7.34
O SEP A 18 0.58 5.00 -8.43
P SEP A 18 -2.96 5.59 -6.92
O1P SEP A 18 -3.91 4.45 -6.31
O2P SEP A 18 -3.68 6.97 -6.49
O3P SEP A 18 -2.76 5.74 -8.52
H SEP A 18 2.07 8.00 -6.14
HA SEP A 18 0.97 6.14 -5.44
HB2 SEP A 18 -1.03 7.47 -5.92
HB3 SEP A 18 -1.00 6.92 -7.60
N SER A 19 2.09 4.40 -6.86
CA SER A 19 2.54 3.23 -7.59
C SER A 19 1.52 2.10 -7.51
N SER A 20 1.88 0.93 -8.05
CA SER A 20 0.99 -0.22 -8.03
C SER A 20 1.78 -1.52 -8.02
N ILE A 21 1.82 -2.18 -6.88
CA ILE A 21 2.55 -3.44 -6.73
C ILE A 21 1.68 -4.49 -6.06
N SER A 22 0.37 -4.25 -6.01
CA SER A 22 -0.55 -5.20 -5.39
C SER A 22 -0.46 -6.56 -6.04
N SER A 23 0.18 -7.51 -5.35
CA SER A 23 0.34 -8.86 -5.86
C SER A 23 -0.84 -9.74 -5.48
N SER A 24 -1.30 -9.62 -4.24
CA SER A 24 -2.43 -10.40 -3.76
C SER A 24 -3.54 -9.50 -3.21
N GLU A 25 -4.74 -10.06 -3.11
CA GLU A 25 -5.88 -9.32 -2.60
C GLU A 25 -6.90 -10.27 -1.97
N GLU A 26 -7.29 -11.30 -2.71
CA GLU A 26 -8.24 -12.29 -2.23
C GLU A 26 -7.70 -13.71 -2.40
N ASN A 27 -7.69 -14.47 -1.32
CA ASN A 27 -7.19 -15.84 -1.35
C ASN A 27 -8.27 -16.80 -1.82
N ASP A 28 -7.86 -17.83 -2.57
CA ASP A 28 -8.81 -18.82 -3.09
C ASP A 28 -8.14 -20.18 -3.24
N PHE A 29 -8.73 -21.19 -2.61
CA PHE A 29 -8.19 -22.55 -2.66
C PHE A 29 -9.20 -23.55 -2.11
N TRP A 30 -9.95 -23.10 -1.11
CA TRP A 30 -10.96 -23.93 -0.47
C TRP A 30 -12.32 -23.67 -1.11
N GLN A 31 -13.39 -23.73 -0.31
CA GLN A 31 -14.73 -23.50 -0.82
C GLN A 31 -15.36 -22.27 -0.18
N PRO A 32 -15.08 -21.07 -0.71
CA PRO A 32 -15.61 -19.82 -0.19
C PRO A 32 -17.13 -19.77 -0.21
N LYS A 33 -17.70 -18.72 0.37
CA LYS A 33 -19.15 -18.54 0.41
C LYS A 33 -19.79 -19.60 1.31
N PRO A 34 -21.06 -19.41 1.73
CA PRO A 34 -21.76 -20.37 2.59
C PRO A 34 -21.37 -21.80 2.28
N THR A 35 -20.41 -22.30 3.05
CA THR A 35 -19.89 -23.66 2.87
C THR A 35 -21.03 -24.68 2.76
N GLU A 1 14.21 17.36 12.78
CA GLU A 1 14.60 18.52 11.95
C GLU A 1 13.89 18.49 10.60
N LYS A 2 13.08 19.51 10.34
CA LYS A 2 12.34 19.61 9.09
C LYS A 2 11.42 18.40 8.89
N LEU A 3 10.79 18.33 7.72
CA LEU A 3 9.89 17.23 7.41
C LEU A 3 9.61 17.17 5.91
N LYS A 4 9.72 15.97 5.33
CA LYS A 4 9.49 15.79 3.90
C LYS A 4 8.14 15.12 3.65
N GLN A 5 7.94 13.96 4.25
CA GLN A 5 6.70 13.21 4.09
C GLN A 5 6.09 12.83 5.43
N ASP A 6 5.11 11.93 5.40
CA ASP A 6 4.45 11.48 6.61
C ASP A 6 4.76 10.00 6.87
N ILE A 7 5.52 9.73 7.92
CA ILE A 7 5.90 8.37 8.27
C ILE A 7 4.67 7.54 8.64
N LEU A 8 3.65 8.20 9.18
CA LEU A 8 2.43 7.52 9.58
C LEU A 8 1.26 8.48 9.62
N ASN A 9 1.58 9.78 9.57
CA ASN A 9 0.55 10.81 9.61
C ASN A 9 -0.39 10.65 8.42
N LEU A 10 0.17 10.21 7.30
CA LEU A 10 -0.61 10.00 6.08
C LEU A 10 0.26 9.45 4.96
N ARG A 11 0.20 8.14 4.75
CA ARG A 11 0.98 7.50 3.71
C ARG A 11 0.37 7.76 2.33
N THR A 12 1.13 8.46 1.48
CA THR A 12 0.67 8.78 0.14
C THR A 12 1.81 8.73 -0.87
N ASP A 13 2.96 9.27 -0.49
CA ASP A 13 4.13 9.29 -1.36
C ASP A 13 3.81 9.97 -2.69
N ILE A 14 3.42 9.19 -3.68
CA ILE A 14 3.09 9.72 -4.99
C ILE A 14 1.81 9.05 -5.53
N SER A 15 1.92 7.80 -5.92
CA SER A 15 0.79 7.06 -6.46
C SER A 15 0.36 5.96 -5.49
N THR A 16 -0.96 5.81 -5.31
CA THR A 16 -1.50 4.81 -4.42
C THR A 16 -1.66 3.46 -5.13
N SER A 17 -1.63 3.50 -6.45
CA SER A 17 -1.77 2.29 -7.25
C SER A 17 -0.46 1.92 -7.93
N SEP A 18 -0.39 0.69 -8.45
CA SEP A 18 0.81 0.19 -9.13
CB SEP A 18 0.96 0.89 -10.49
OG SEP A 18 1.37 2.24 -10.33
C SEP A 18 2.06 0.41 -8.29
O SEP A 18 3.17 0.49 -8.81
P SEP A 18 1.00 3.06 -11.66
O1P SEP A 18 -0.60 3.25 -11.73
O2P SEP A 18 1.55 4.57 -11.51
O3P SEP A 18 1.83 2.46 -12.90
H SEP A 18 -1.17 0.10 -8.38
HA SEP A 18 0.67 -0.86 -9.30
HB2 SEP A 18 1.72 0.38 -11.06
HB3 SEP A 18 0.03 0.86 -11.02
N SER A 19 1.88 0.49 -6.97
CA SER A 19 3.00 0.70 -6.05
C SER A 19 3.62 -0.63 -5.65
N SER A 20 2.84 -1.47 -4.98
CA SER A 20 3.32 -2.78 -4.54
C SER A 20 2.16 -3.76 -4.40
N ILE A 21 2.28 -4.91 -5.06
CA ILE A 21 1.26 -5.95 -5.01
C ILE A 21 -0.08 -5.40 -5.51
N SER A 22 -0.35 -5.59 -6.80
CA SER A 22 -1.60 -5.13 -7.40
C SER A 22 -2.12 -6.15 -8.41
N SER A 23 -1.24 -6.57 -9.32
CA SER A 23 -1.61 -7.54 -10.34
C SER A 23 -0.84 -8.84 -10.16
N SER A 24 -1.11 -9.82 -11.03
CA SER A 24 -0.45 -11.11 -10.97
C SER A 24 -0.67 -11.77 -9.62
N GLU A 25 0.06 -12.86 -9.36
CA GLU A 25 -0.05 -13.59 -8.11
C GLU A 25 -1.48 -14.08 -7.87
N GLU A 26 -1.74 -15.33 -8.25
CA GLU A 26 -3.06 -15.90 -8.09
C GLU A 26 -3.48 -15.92 -6.62
N ASN A 27 -4.72 -15.56 -6.35
CA ASN A 27 -5.24 -15.53 -4.98
C ASN A 27 -6.70 -15.94 -4.93
N ASP A 28 -7.20 -16.49 -6.03
CA ASP A 28 -8.59 -16.93 -6.11
C ASP A 28 -8.79 -18.21 -5.30
N PHE A 29 -9.04 -18.05 -4.00
CA PHE A 29 -9.25 -19.19 -3.12
C PHE A 29 -9.65 -18.73 -1.71
N TRP A 30 -9.16 -17.55 -1.34
CA TRP A 30 -9.46 -16.97 -0.03
C TRP A 30 -9.47 -15.45 -0.12
N GLN A 31 -10.41 -14.85 0.57
CA GLN A 31 -10.54 -13.39 0.60
C GLN A 31 -10.75 -12.86 2.02
N PRO A 32 -9.83 -13.20 2.94
CA PRO A 32 -9.92 -12.76 4.34
C PRO A 32 -9.39 -11.34 4.52
N LYS A 33 -9.64 -10.77 5.70
CA LYS A 33 -9.18 -9.42 6.01
C LYS A 33 -7.69 -9.42 6.34
N PRO A 34 -6.98 -8.29 6.09
CA PRO A 34 -5.55 -8.18 6.37
C PRO A 34 -5.23 -8.38 7.84
N THR A 35 -6.27 -8.38 8.66
CA THR A 35 -6.13 -8.57 10.10
C THR A 35 -5.16 -7.54 10.70
#